data_5EYV
#
_entry.id   5EYV
#
_cell.length_a   76.160
_cell.length_b   82.630
_cell.length_c   163.780
_cell.angle_alpha   90.000
_cell.angle_beta   90.000
_cell.angle_gamma   90.000
#
_symmetry.space_group_name_H-M   'P 21 21 2'
#
loop_
_entity.id
_entity.type
_entity.pdbx_description
1 polymer 'Adenylosuccinate lyase'
2 water water
#
_entity_poly.entity_id   1
_entity_poly.type   'polypeptide(L)'
_entity_poly.pdbx_seq_one_letter_code
;MAHHHHHHSSGLEVLFQMDEFEEYRNPLTKRYASREMVCNFGEKRKVILWRQLWIWLAETQKELGFDITDEQINEMKSQR
DSVDFGTAAAEEKARRHDVMAHVYTFALACPKAAPIIHLGATSCFVGDNADLIMLKDGLNILLPKVARCIDRLAKKAMLH
KSLICLARTHLQPAQPTTMGRRICMWIQDLLLDLENLERLKNHTIRFRGAKGAVGTQASFMDLFQGDHQKVIKLDEILTK
KSGFQRSWCVTGQTYPRKVDIEITNALSNIGATVHKICTDIRLLSSFHEVEEPFETKQIGSSAMPYKRNPIRSERACSLA
RYLMHISTSMVSTVSVQWLERSLDDSAIRRIVLPEAFLAADACLTLLQNIAEGLIVYPMVMEANLNSELPFLVVERILVK
MVSEGAANRQECHERLRKHSHEAAAEIKLKGLKNSLMDKLLNDYYFAPIHSLLPTVLDPSYMIGRAVEQVEVFLNTEVDP
AIHSYKDCLALNSNITI
;
_entity_poly.pdbx_strand_id   A,B
#
# COMPACT_ATOMS: atom_id res chain seq x y z
N PHE A 21 -16.40 -25.11 25.96
CA PHE A 21 -16.68 -25.70 24.65
C PHE A 21 -18.07 -25.32 24.16
N GLU A 22 -18.86 -24.71 25.04
CA GLU A 22 -20.23 -24.33 24.71
C GLU A 22 -20.31 -22.98 24.00
N GLU A 23 -19.38 -22.07 24.27
CA GLU A 23 -19.36 -20.77 23.63
C GLU A 23 -18.48 -20.81 22.39
N TYR A 24 -18.89 -20.05 21.37
CA TYR A 24 -18.06 -19.91 20.18
C TYR A 24 -16.74 -19.24 20.53
N ARG A 25 -15.69 -19.60 19.80
CA ARG A 25 -14.40 -18.95 19.91
C ARG A 25 -13.81 -18.79 18.52
N ASN A 26 -13.32 -17.61 18.21
CA ASN A 26 -12.68 -17.37 16.93
C ASN A 26 -11.47 -18.27 16.80
N PRO A 27 -11.39 -19.13 15.77
CA PRO A 27 -10.21 -19.99 15.60
C PRO A 27 -8.92 -19.22 15.40
N LEU A 28 -8.98 -17.91 15.12
CA LEU A 28 -7.76 -17.13 15.05
C LEU A 28 -7.07 -17.05 16.41
N THR A 29 -7.85 -16.98 17.49
CA THR A 29 -7.30 -16.87 18.82
C THR A 29 -7.00 -18.22 19.46
N LYS A 30 -7.73 -19.27 19.05
CA LYS A 30 -7.59 -20.57 19.69
C LYS A 30 -6.80 -21.58 18.87
N ARG A 31 -6.61 -21.34 17.59
CA ARG A 31 -6.07 -22.37 16.72
C ARG A 31 -4.95 -21.89 15.81
N TYR A 32 -5.13 -20.76 15.13
CA TYR A 32 -4.32 -20.38 13.99
C TYR A 32 -3.16 -19.44 14.34
N ALA A 33 -3.38 -18.46 15.20
CA ALA A 33 -2.32 -17.51 15.52
C ALA A 33 -1.45 -18.02 16.66
N SER A 34 -0.29 -17.39 16.81
CA SER A 34 0.66 -17.78 17.85
C SER A 34 0.24 -17.21 19.21
N ARG A 35 0.74 -17.85 20.26
CA ARG A 35 0.41 -17.41 21.62
C ARG A 35 0.90 -16.00 21.90
N GLU A 36 2.05 -15.61 21.35
CA GLU A 36 2.60 -14.31 21.63
C GLU A 36 1.74 -13.19 21.05
N MET A 37 1.16 -13.41 19.88
CA MET A 37 0.29 -12.40 19.29
C MET A 37 -1.05 -12.33 20.00
N VAL A 38 -1.57 -13.48 20.42
CA VAL A 38 -2.86 -13.51 21.13
C VAL A 38 -2.75 -12.72 22.43
N CYS A 39 -1.64 -12.88 23.15
CA CYS A 39 -1.46 -12.16 24.40
C CYS A 39 -1.11 -10.69 24.21
N ASN A 40 -0.62 -10.32 23.02
CA ASN A 40 -0.22 -8.94 22.80
C ASN A 40 -1.40 -7.97 22.88
N PHE A 41 -2.61 -8.46 22.62
CA PHE A 41 -3.81 -7.65 22.71
C PHE A 41 -4.72 -8.07 23.86
N GLY A 42 -4.22 -8.89 24.77
CA GLY A 42 -5.03 -9.35 25.88
C GLY A 42 -5.38 -8.24 26.85
N GLU A 43 -6.48 -8.46 27.57
CA GLU A 43 -6.95 -7.47 28.54
C GLU A 43 -5.92 -7.20 29.63
N LYS A 44 -5.15 -8.23 30.01
CA LYS A 44 -4.11 -8.02 31.02
C LYS A 44 -3.01 -7.11 30.48
N ARG A 45 -2.63 -7.30 29.21
CA ARG A 45 -1.63 -6.42 28.60
C ARG A 45 -2.13 -4.98 28.56
N LYS A 46 -3.42 -4.78 28.30
CA LYS A 46 -3.95 -3.43 28.22
C LYS A 46 -3.86 -2.71 29.56
N VAL A 47 -4.16 -3.41 30.65
CA VAL A 47 -4.16 -2.77 31.97
C VAL A 47 -2.73 -2.53 32.47
N ILE A 48 -1.85 -3.52 32.29
CA ILE A 48 -0.45 -3.33 32.69
C ILE A 48 0.17 -2.16 31.92
N LEU A 49 -0.20 -2.02 30.64
CA LEU A 49 0.26 -0.85 29.89
C LEU A 49 -0.43 0.42 30.38
N TRP A 50 -1.70 0.33 30.76
CA TRP A 50 -2.37 1.47 31.38
C TRP A 50 -1.63 1.91 32.63
N ARG A 51 -1.24 0.96 33.48
CA ARG A 51 -0.52 1.30 34.70
C ARG A 51 0.90 1.76 34.41
N GLN A 52 1.49 1.31 33.30
CA GLN A 52 2.81 1.79 32.92
C GLN A 52 2.74 3.24 32.43
N LEU A 53 1.66 3.60 31.75
CA LEU A 53 1.49 4.98 31.31
C LEU A 53 1.25 5.91 32.49
N TRP A 54 0.64 5.41 33.56
CA TRP A 54 0.47 6.22 34.76
C TRP A 54 1.79 6.40 35.49
N ILE A 55 2.64 5.36 35.49
CA ILE A 55 3.96 5.48 36.09
C ILE A 55 4.81 6.48 35.30
N TRP A 56 4.76 6.41 33.97
CA TRP A 56 5.49 7.37 33.15
C TRP A 56 4.91 8.76 33.31
N LEU A 57 3.58 8.88 33.41
CA LEU A 57 2.97 10.19 33.63
C LEU A 57 3.41 10.79 34.97
N ALA A 58 3.53 9.95 36.00
CA ALA A 58 3.93 10.44 37.31
C ALA A 58 5.41 10.83 37.32
N GLU A 59 6.28 9.94 36.85
CA GLU A 59 7.71 10.24 36.87
C GLU A 59 8.11 11.27 35.82
N THR A 60 7.17 11.71 34.98
CA THR A 60 7.42 12.86 34.12
C THR A 60 7.04 14.18 34.80
N GLN A 61 5.89 14.20 35.47
CA GLN A 61 5.49 15.40 36.20
C GLN A 61 6.27 15.57 37.51
N LYS A 62 6.63 14.45 38.15
CA LYS A 62 7.55 14.54 39.28
C LYS A 62 8.93 15.02 38.83
N GLU A 63 9.30 14.73 37.58
CA GLU A 63 10.54 15.24 37.03
C GLU A 63 10.48 16.75 36.80
N LEU A 64 9.29 17.26 36.48
CA LEU A 64 9.08 18.70 36.29
C LEU A 64 8.76 19.41 37.60
N GLY A 65 9.22 18.89 38.73
CA GLY A 65 9.00 19.51 40.02
C GLY A 65 7.54 19.68 40.39
N PHE A 66 6.91 18.60 40.86
CA PHE A 66 5.52 18.64 41.26
C PHE A 66 5.37 17.89 42.58
N ASP A 67 4.20 18.04 43.20
CA ASP A 67 3.93 17.45 44.51
C ASP A 67 3.82 15.93 44.43
N ILE A 68 4.74 15.29 43.71
CA ILE A 68 4.80 13.84 43.58
C ILE A 68 6.15 13.39 44.12
N THR A 69 6.11 12.50 45.10
CA THR A 69 7.33 11.97 45.72
C THR A 69 7.97 10.91 44.82
N ASP A 70 9.12 10.41 45.27
CA ASP A 70 9.60 9.12 44.77
C ASP A 70 8.93 7.96 45.49
N GLU A 71 8.28 8.22 46.63
CA GLU A 71 7.64 7.15 47.39
C GLU A 71 6.40 6.63 46.67
N GLN A 72 5.62 7.52 46.05
CA GLN A 72 4.42 7.08 45.35
C GLN A 72 4.76 6.30 44.08
N ILE A 73 5.93 6.55 43.49
CA ILE A 73 6.24 6.00 42.18
C ILE A 73 6.58 4.52 42.29
N ASN A 74 7.54 4.16 43.16
CA ASN A 74 7.94 2.77 43.27
C ASN A 74 6.80 1.90 43.77
N GLU A 75 5.90 2.46 44.58
CA GLU A 75 4.69 1.74 44.97
C GLU A 75 3.83 1.45 43.75
N MET A 76 3.74 2.40 42.81
CA MET A 76 3.12 2.11 41.53
C MET A 76 3.91 1.05 40.77
N LYS A 77 5.23 1.21 40.71
CA LYS A 77 6.08 0.25 40.01
C LYS A 77 5.96 -1.14 40.61
N SER A 78 5.90 -1.23 41.95
CA SER A 78 5.81 -2.53 42.60
C SER A 78 4.45 -3.17 42.39
N GLN A 79 3.41 -2.36 42.17
CA GLN A 79 2.05 -2.86 42.01
C GLN A 79 1.52 -2.65 40.60
N ARG A 80 2.38 -2.88 39.60
CA ARG A 80 1.98 -2.70 38.21
C ARG A 80 1.37 -3.97 37.63
N ASP A 81 2.07 -5.11 37.78
CA ASP A 81 1.63 -6.35 37.15
C ASP A 81 0.32 -6.84 37.74
N SER A 82 0.16 -6.74 39.06
CA SER A 82 -1.07 -7.19 39.69
C SER A 82 -2.21 -6.24 39.36
N VAL A 83 -3.41 -6.81 39.15
CA VAL A 83 -4.59 -6.03 38.81
C VAL A 83 -5.81 -6.72 39.41
N ASP A 84 -6.63 -5.94 40.13
CA ASP A 84 -7.85 -6.45 40.76
C ASP A 84 -9.01 -6.23 39.80
N PHE A 85 -9.26 -7.22 38.95
CA PHE A 85 -10.35 -7.10 37.98
C PHE A 85 -11.72 -7.17 38.63
N GLY A 86 -11.80 -7.64 39.87
CA GLY A 86 -13.09 -7.69 40.55
C GLY A 86 -13.67 -6.31 40.82
N THR A 87 -12.86 -5.43 41.42
CA THR A 87 -13.30 -4.06 41.65
C THR A 87 -13.47 -3.31 40.34
N ALA A 88 -12.67 -3.65 39.32
CA ALA A 88 -12.80 -2.99 38.02
C ALA A 88 -14.17 -3.27 37.40
N ALA A 89 -14.62 -4.52 37.47
CA ALA A 89 -15.95 -4.84 36.95
C ALA A 89 -17.04 -4.29 37.86
N ALA A 90 -16.75 -4.10 39.15
CA ALA A 90 -17.73 -3.52 40.06
C ALA A 90 -17.96 -2.04 39.74
N GLU A 91 -16.88 -1.30 39.46
CA GLU A 91 -17.01 0.10 39.08
C GLU A 91 -17.46 0.27 37.63
N GLU A 92 -17.26 -0.74 36.78
CA GLU A 92 -17.62 -0.63 35.38
C GLU A 92 -19.10 -0.92 35.14
N LYS A 93 -19.71 -1.78 35.95
CA LYS A 93 -21.14 -2.03 35.88
C LYS A 93 -21.93 -1.15 36.85
N ALA A 94 -21.32 -0.08 37.34
CA ALA A 94 -21.99 0.90 38.20
C ALA A 94 -22.01 2.28 37.55
N ARG A 95 -20.85 2.84 37.22
CA ARG A 95 -20.77 4.14 36.56
C ARG A 95 -20.43 4.04 35.08
N ARG A 96 -20.07 2.86 34.59
CA ARG A 96 -19.85 2.61 33.16
C ARG A 96 -18.75 3.50 32.59
N HIS A 97 -17.56 3.36 33.18
CA HIS A 97 -16.36 4.07 32.72
C HIS A 97 -15.19 3.12 32.86
N ASP A 98 -14.73 2.56 31.73
CA ASP A 98 -13.66 1.57 31.79
C ASP A 98 -12.37 2.18 32.31
N VAL A 99 -12.03 3.39 31.88
CA VAL A 99 -10.82 4.04 32.34
C VAL A 99 -10.90 4.34 33.84
N MET A 100 -11.93 5.09 34.25
CA MET A 100 -12.05 5.48 35.65
C MET A 100 -12.26 4.28 36.57
N ALA A 101 -12.76 3.16 36.05
CA ALA A 101 -12.82 1.95 36.85
C ALA A 101 -11.43 1.44 37.20
N HIS A 102 -10.46 1.68 36.33
CA HIS A 102 -9.08 1.26 36.58
C HIS A 102 -8.21 2.35 37.20
N VAL A 103 -8.62 3.63 37.13
CA VAL A 103 -7.93 4.64 37.91
C VAL A 103 -8.34 4.57 39.37
N TYR A 104 -9.51 4.01 39.66
CA TYR A 104 -9.94 3.77 41.04
C TYR A 104 -9.43 2.45 41.57
N THR A 105 -9.42 1.41 40.73
CA THR A 105 -8.85 0.13 41.15
C THR A 105 -7.37 0.27 41.45
N PHE A 106 -6.63 1.00 40.60
CA PHE A 106 -5.22 1.23 40.87
C PHE A 106 -5.02 2.10 42.10
N ALA A 107 -5.95 3.02 42.37
CA ALA A 107 -5.84 3.87 43.55
C ALA A 107 -5.99 3.07 44.83
N LEU A 108 -6.79 2.01 44.82
CA LEU A 108 -6.98 1.20 46.01
C LEU A 108 -5.71 0.46 46.38
N ALA A 109 -4.99 -0.06 45.37
CA ALA A 109 -3.72 -0.74 45.60
C ALA A 109 -2.55 0.22 45.76
N CYS A 110 -2.75 1.51 45.50
CA CYS A 110 -1.71 2.53 45.69
C CYS A 110 -2.31 3.66 46.51
N PRO A 111 -2.46 3.46 47.82
CA PRO A 111 -3.09 4.50 48.66
C PRO A 111 -2.30 5.80 48.71
N LYS A 112 -0.97 5.72 48.67
CA LYS A 112 -0.17 6.94 48.66
C LYS A 112 -0.27 7.68 47.33
N ALA A 113 -0.46 6.95 46.22
CA ALA A 113 -0.45 7.58 44.92
C ALA A 113 -1.84 8.05 44.47
N ALA A 114 -2.90 7.54 45.09
CA ALA A 114 -4.28 7.77 44.68
C ALA A 114 -4.59 9.21 44.24
N PRO A 115 -4.22 10.26 44.99
CA PRO A 115 -4.51 11.61 44.50
C PRO A 115 -3.72 12.01 43.26
N ILE A 116 -2.62 11.33 42.96
CA ILE A 116 -1.76 11.71 41.85
C ILE A 116 -1.78 10.61 40.78
N ILE A 117 -2.90 9.90 40.68
CA ILE A 117 -3.11 8.91 39.63
C ILE A 117 -3.96 9.54 38.53
N HIS A 118 -3.53 9.38 37.29
CA HIS A 118 -4.27 9.90 36.14
C HIS A 118 -4.47 11.41 36.28
N LEU A 119 -3.47 12.07 36.86
CA LEU A 119 -3.59 13.47 37.26
C LEU A 119 -3.62 14.36 36.03
N GLY A 120 -4.79 14.94 35.76
CA GLY A 120 -4.92 15.88 34.67
C GLY A 120 -5.18 15.27 33.31
N ALA A 121 -5.04 13.96 33.15
CA ALA A 121 -5.17 13.34 31.84
C ALA A 121 -6.62 12.98 31.54
N THR A 122 -6.95 12.93 30.26
CA THR A 122 -8.24 12.47 29.79
C THR A 122 -8.20 10.94 29.63
N SER A 123 -9.37 10.37 29.34
CA SER A 123 -9.47 8.92 29.23
C SER A 123 -8.60 8.39 28.08
N CYS A 124 -8.62 9.09 26.93
CA CYS A 124 -7.87 8.61 25.78
C CYS A 124 -6.36 8.67 25.97
N PHE A 125 -5.88 9.25 27.06
CA PHE A 125 -4.45 9.23 27.34
C PHE A 125 -3.95 7.80 27.57
N VAL A 126 -4.71 7.01 28.32
CA VAL A 126 -4.32 5.62 28.54
C VAL A 126 -4.87 4.71 27.45
N GLY A 127 -5.99 5.05 26.84
CA GLY A 127 -6.59 4.18 25.85
C GLY A 127 -5.85 4.22 24.52
N ASP A 128 -5.63 5.43 24.00
CA ASP A 128 -4.99 5.58 22.70
C ASP A 128 -3.52 5.17 22.75
N ASN A 129 -2.79 5.63 23.77
CA ASN A 129 -1.36 5.36 23.85
C ASN A 129 -1.07 3.89 24.09
N ALA A 130 -1.92 3.20 24.85
CA ALA A 130 -1.73 1.77 25.03
C ALA A 130 -2.01 1.02 23.73
N ASP A 131 -3.05 1.42 23.00
CA ASP A 131 -3.31 0.82 21.70
C ASP A 131 -2.14 1.02 20.76
N LEU A 132 -1.53 2.22 20.79
CA LEU A 132 -0.37 2.48 19.94
C LEU A 132 0.80 1.59 20.31
N ILE A 133 1.01 1.37 21.61
CA ILE A 133 2.09 0.48 22.05
C ILE A 133 1.81 -0.96 21.63
N MET A 134 0.55 -1.38 21.70
CA MET A 134 0.20 -2.73 21.27
C MET A 134 0.39 -2.90 19.76
N LEU A 135 0.02 -1.88 18.98
CA LEU A 135 0.19 -1.97 17.52
C LEU A 135 1.65 -2.03 17.14
N LYS A 136 2.50 -1.26 17.83
CA LYS A 136 3.93 -1.31 17.58
C LYS A 136 4.51 -2.67 17.96
N ASP A 137 4.18 -3.16 19.16
CA ASP A 137 4.64 -4.48 19.57
C ASP A 137 4.09 -5.57 18.65
N GLY A 138 2.90 -5.36 18.10
CA GLY A 138 2.38 -6.30 17.13
C GLY A 138 3.22 -6.36 15.86
N LEU A 139 3.67 -5.20 15.38
CA LEU A 139 4.55 -5.18 14.21
C LEU A 139 5.90 -5.82 14.53
N ASN A 140 6.40 -5.64 15.75
CA ASN A 140 7.66 -6.28 16.15
C ASN A 140 7.52 -7.79 16.27
N ILE A 141 6.30 -8.31 16.40
CA ILE A 141 6.11 -9.75 16.36
C ILE A 141 6.06 -10.25 14.92
N LEU A 142 5.51 -9.44 14.01
CA LEU A 142 5.34 -9.87 12.62
C LEU A 142 6.63 -9.74 11.82
N LEU A 143 7.39 -8.67 12.05
CA LEU A 143 8.59 -8.41 11.24
C LEU A 143 9.56 -9.58 11.18
N PRO A 144 9.94 -10.23 12.30
CA PRO A 144 10.81 -11.41 12.18
C PRO A 144 10.19 -12.55 11.39
N LYS A 145 8.86 -12.66 11.40
CA LYS A 145 8.20 -13.73 10.68
C LYS A 145 8.16 -13.47 9.18
N VAL A 146 8.08 -12.21 8.77
CA VAL A 146 8.24 -11.88 7.35
C VAL A 146 9.65 -12.19 6.89
N ALA A 147 10.66 -11.81 7.69
CA ALA A 147 12.03 -12.05 7.31
C ALA A 147 12.36 -13.55 7.28
N ARG A 148 11.75 -14.31 8.19
CA ARG A 148 11.93 -15.76 8.17
C ARG A 148 11.36 -16.37 6.90
N CYS A 149 10.17 -15.93 6.50
CA CYS A 149 9.59 -16.41 5.25
C CYS A 149 10.49 -16.05 4.06
N ILE A 150 11.06 -14.86 4.08
CA ILE A 150 12.01 -14.48 3.03
C ILE A 150 13.23 -15.39 3.07
N ASP A 151 13.77 -15.63 4.27
CA ASP A 151 14.97 -16.44 4.40
C ASP A 151 14.76 -17.87 3.91
N ARG A 152 13.61 -18.47 4.25
CA ARG A 152 13.36 -19.86 3.86
C ARG A 152 13.19 -19.98 2.35
N LEU A 153 12.47 -19.04 1.74
CA LEU A 153 12.30 -19.08 0.29
C LEU A 153 13.60 -18.79 -0.43
N ALA A 154 14.40 -17.86 0.10
CA ALA A 154 15.68 -17.52 -0.53
C ALA A 154 16.62 -18.73 -0.55
N LYS A 155 16.67 -19.48 0.54
CA LYS A 155 17.47 -20.70 0.55
C LYS A 155 17.00 -21.68 -0.52
N LYS A 156 15.68 -21.88 -0.63
CA LYS A 156 15.14 -22.74 -1.68
C LYS A 156 15.41 -22.17 -3.06
N ALA A 157 15.42 -20.84 -3.20
CA ALA A 157 15.63 -20.23 -4.51
C ALA A 157 17.03 -20.53 -5.04
N MET A 158 18.04 -20.47 -4.19
CA MET A 158 19.39 -20.79 -4.65
C MET A 158 19.65 -22.28 -4.69
N LEU A 159 18.86 -23.09 -3.97
CA LEU A 159 18.93 -24.53 -4.13
C LEU A 159 18.45 -24.95 -5.52
N HIS A 160 17.36 -24.37 -5.99
CA HIS A 160 16.77 -24.69 -7.28
C HIS A 160 17.01 -23.58 -8.30
N LYS A 161 18.10 -22.83 -8.12
CA LYS A 161 18.41 -21.71 -9.01
C LYS A 161 18.53 -22.16 -10.45
N SER A 162 19.00 -23.38 -10.69
CA SER A 162 19.20 -23.91 -12.04
C SER A 162 18.27 -25.06 -12.36
N LEU A 163 17.29 -25.35 -11.51
CA LEU A 163 16.34 -26.44 -11.76
C LEU A 163 15.36 -25.98 -12.82
N ILE A 164 15.61 -26.38 -14.07
CA ILE A 164 14.81 -25.91 -15.19
C ILE A 164 13.42 -26.50 -15.13
N CYS A 165 12.42 -25.66 -15.34
CA CYS A 165 11.03 -26.10 -15.34
C CYS A 165 10.24 -25.23 -16.31
N LEU A 166 9.01 -25.65 -16.57
CA LEU A 166 8.13 -24.94 -17.49
C LEU A 166 7.53 -23.71 -16.81
N ALA A 167 7.63 -22.56 -17.47
CA ALA A 167 6.86 -21.41 -17.03
C ALA A 167 5.43 -21.54 -17.55
N ARG A 168 4.50 -20.88 -16.84
CA ARG A 168 3.08 -21.01 -17.13
C ARG A 168 2.44 -19.64 -17.21
N THR A 169 1.91 -19.30 -18.38
CA THR A 169 1.09 -18.11 -18.57
C THR A 169 -0.29 -18.56 -19.06
N HIS A 170 -1.33 -17.92 -18.54
CA HIS A 170 -2.71 -18.34 -18.75
C HIS A 170 -2.95 -19.76 -18.24
N LEU A 171 -2.08 -20.23 -17.33
CA LEU A 171 -2.06 -21.61 -16.86
C LEU A 171 -1.81 -22.59 -18.00
N GLN A 172 -1.15 -22.13 -19.06
CA GLN A 172 -0.74 -22.93 -20.21
C GLN A 172 0.78 -22.99 -20.26
N PRO A 173 1.35 -24.02 -20.88
CA PRO A 173 2.81 -24.13 -20.95
C PRO A 173 3.43 -22.97 -21.71
N ALA A 174 4.53 -22.44 -21.16
CA ALA A 174 5.28 -21.35 -21.77
C ALA A 174 6.76 -21.72 -21.76
N GLN A 175 7.59 -20.78 -22.21
CA GLN A 175 9.03 -21.02 -22.35
C GLN A 175 9.63 -21.38 -20.98
N PRO A 176 10.78 -22.06 -20.99
CA PRO A 176 11.34 -22.56 -19.73
C PRO A 176 11.85 -21.45 -18.83
N THR A 177 11.71 -21.67 -17.52
CA THR A 177 12.37 -20.85 -16.51
C THR A 177 13.04 -21.84 -15.55
N THR A 178 13.37 -21.37 -14.35
CA THR A 178 13.87 -22.26 -13.30
C THR A 178 13.02 -22.07 -12.05
N MET A 179 12.94 -23.14 -11.24
CA MET A 179 12.13 -23.07 -10.03
C MET A 179 12.64 -21.98 -9.09
N GLY A 180 13.96 -21.85 -8.96
CA GLY A 180 14.50 -20.78 -8.14
C GLY A 180 14.15 -19.40 -8.68
N ARG A 181 14.15 -19.26 -10.00
CA ARG A 181 13.76 -17.99 -10.61
C ARG A 181 12.30 -17.67 -10.32
N ARG A 182 11.45 -18.69 -10.28
CA ARG A 182 10.04 -18.45 -9.94
C ARG A 182 9.87 -18.07 -8.47
N ILE A 183 10.68 -18.65 -7.58
CA ILE A 183 10.55 -18.37 -6.15
C ILE A 183 10.93 -16.93 -5.85
N CYS A 184 11.94 -16.40 -6.56
CA CYS A 184 12.31 -15.00 -6.37
C CYS A 184 11.16 -14.07 -6.71
N MET A 185 10.30 -14.47 -7.65
CA MET A 185 9.08 -13.71 -7.91
C MET A 185 8.21 -13.63 -6.66
N TRP A 186 8.15 -14.72 -5.89
CA TRP A 186 7.43 -14.68 -4.62
C TRP A 186 8.16 -13.82 -3.60
N ILE A 187 9.49 -13.92 -3.54
CA ILE A 187 10.26 -13.19 -2.54
C ILE A 187 10.12 -11.68 -2.76
N GLN A 188 10.06 -11.25 -4.02
CA GLN A 188 9.93 -9.83 -4.31
C GLN A 188 8.73 -9.22 -3.61
N ASP A 189 7.60 -9.93 -3.62
CA ASP A 189 6.41 -9.43 -2.95
C ASP A 189 6.62 -9.32 -1.44
N LEU A 190 7.27 -10.33 -0.85
CA LEU A 190 7.55 -10.27 0.58
C LEU A 190 8.50 -9.14 0.93
N LEU A 191 9.44 -8.80 0.04
CA LEU A 191 10.34 -7.69 0.30
C LEU A 191 9.58 -6.38 0.38
N LEU A 192 8.58 -6.19 -0.48
CA LEU A 192 7.75 -4.99 -0.41
C LEU A 192 6.95 -4.95 0.88
N ASP A 193 6.47 -6.11 1.34
CA ASP A 193 5.71 -6.15 2.59
C ASP A 193 6.60 -5.86 3.79
N LEU A 194 7.82 -6.41 3.80
CA LEU A 194 8.77 -6.09 4.86
C LEU A 194 9.06 -4.60 4.91
N GLU A 195 9.26 -3.98 3.74
CA GLU A 195 9.51 -2.56 3.68
C GLU A 195 8.34 -1.77 4.26
N ASN A 196 7.11 -2.13 3.88
CA ASN A 196 5.93 -1.41 4.38
C ASN A 196 5.80 -1.55 5.88
N LEU A 197 6.01 -2.77 6.41
CA LEU A 197 5.85 -2.98 7.85
C LEU A 197 6.94 -2.29 8.65
N GLU A 198 8.14 -2.15 8.08
CA GLU A 198 9.21 -1.44 8.78
C GLU A 198 8.93 0.06 8.81
N ARG A 199 8.36 0.61 7.73
CA ARG A 199 8.02 2.02 7.71
C ARG A 199 6.87 2.34 8.66
N LEU A 200 5.91 1.41 8.81
CA LEU A 200 4.85 1.59 9.80
C LEU A 200 5.41 1.68 11.20
N LYS A 201 6.35 0.78 11.54
CA LYS A 201 6.87 0.73 12.90
C LYS A 201 7.79 1.92 13.19
N ASN A 202 8.56 2.35 12.19
CA ASN A 202 9.63 3.33 12.40
C ASN A 202 9.29 4.73 11.93
N HIS A 203 8.09 4.95 11.36
CA HIS A 203 7.80 6.26 10.79
C HIS A 203 6.32 6.64 10.91
N THR A 204 5.43 5.79 10.43
CA THR A 204 4.03 6.15 10.33
C THR A 204 3.40 6.30 11.72
N ILE A 205 3.61 5.32 12.59
CA ILE A 205 3.01 5.33 13.92
C ILE A 205 3.75 6.35 14.78
N ARG A 206 3.02 7.38 15.23
CA ARG A 206 3.54 8.36 16.17
C ARG A 206 2.80 8.24 17.49
N PHE A 207 3.40 8.81 18.54
CA PHE A 207 2.80 8.78 19.85
C PHE A 207 1.64 9.76 19.93
N ARG A 208 0.65 9.43 20.75
CA ARG A 208 -0.47 10.33 20.99
C ARG A 208 -0.17 11.34 22.09
N GLY A 209 0.59 10.94 23.10
CA GLY A 209 0.98 11.82 24.17
C GLY A 209 -0.20 12.30 25.00
N ALA A 210 0.01 13.44 25.64
CA ALA A 210 -1.01 14.09 26.46
C ALA A 210 -1.53 15.31 25.70
N LYS A 211 -2.81 15.28 25.34
CA LYS A 211 -3.40 16.33 24.53
C LYS A 211 -4.70 16.91 25.08
N GLY A 212 -5.35 16.26 26.04
CA GLY A 212 -6.62 16.74 26.55
C GLY A 212 -7.79 16.08 25.85
N ALA A 213 -8.97 16.66 26.09
CA ALA A 213 -10.19 16.10 25.55
C ALA A 213 -10.36 16.39 24.06
N VAL A 214 -9.87 17.54 23.58
CA VAL A 214 -10.04 17.91 22.19
C VAL A 214 -8.69 18.29 21.58
N GLY A 215 -7.61 17.84 22.21
CA GLY A 215 -6.28 18.04 21.67
C GLY A 215 -5.67 19.40 21.91
N THR A 216 -6.32 20.26 22.70
CA THR A 216 -5.82 21.60 22.96
C THR A 216 -4.97 21.69 24.22
N GLN A 217 -4.83 20.60 24.97
CA GLN A 217 -4.07 20.58 26.21
C GLN A 217 -4.55 21.64 27.20
N ALA A 218 -5.83 21.99 27.13
CA ALA A 218 -6.39 23.01 28.02
C ALA A 218 -6.34 22.55 29.48
N SER A 219 -6.52 21.26 29.72
CA SER A 219 -6.63 20.78 31.10
C SER A 219 -5.26 20.63 31.75
N PHE A 220 -4.24 20.28 30.97
CA PHE A 220 -2.88 20.20 31.50
C PHE A 220 -2.32 21.58 31.77
N MET A 221 -2.80 22.60 31.06
CA MET A 221 -2.33 23.96 31.30
C MET A 221 -2.76 24.43 32.69
N ASP A 222 -3.97 24.09 33.11
CA ASP A 222 -4.42 24.44 34.46
C ASP A 222 -3.54 23.79 35.51
N LEU A 223 -3.10 22.55 35.26
CA LEU A 223 -2.21 21.88 36.20
C LEU A 223 -0.82 22.52 36.22
N PHE A 224 -0.46 23.28 35.18
CA PHE A 224 0.85 23.92 35.10
C PHE A 224 0.73 25.44 35.04
N GLN A 225 -0.37 25.98 35.57
CA GLN A 225 -0.56 27.43 35.76
C GLN A 225 -0.39 28.20 34.44
N GLY A 226 -0.71 27.56 33.32
CA GLY A 226 -0.59 28.21 32.04
C GLY A 226 0.82 28.29 31.49
N ASP A 227 1.72 27.42 31.94
CA ASP A 227 3.10 27.42 31.46
C ASP A 227 3.18 26.50 30.25
N HIS A 228 3.26 27.10 29.05
CA HIS A 228 3.31 26.32 27.82
C HIS A 228 4.56 25.44 27.77
N GLN A 229 5.65 25.88 28.37
CA GLN A 229 6.92 25.17 28.23
C GLN A 229 6.88 23.83 28.97
N LYS A 230 6.41 23.82 30.22
CA LYS A 230 6.30 22.57 30.95
C LYS A 230 5.29 21.63 30.31
N VAL A 231 4.27 22.19 29.65
CA VAL A 231 3.30 21.35 28.95
C VAL A 231 3.93 20.72 27.72
N ILE A 232 4.71 21.50 26.96
CA ILE A 232 5.42 20.95 25.80
C ILE A 232 6.44 19.92 26.26
N LYS A 233 7.20 20.26 27.29
CA LYS A 233 8.16 19.29 27.85
C LYS A 233 7.46 18.02 28.31
N LEU A 234 6.27 18.16 28.90
CA LEU A 234 5.51 16.99 29.34
C LEU A 234 5.27 16.02 28.20
N ASP A 235 4.88 16.54 27.03
CA ASP A 235 4.64 15.67 25.89
C ASP A 235 5.94 15.15 25.30
N GLU A 236 7.04 15.89 25.47
CA GLU A 236 8.32 15.45 24.93
C GLU A 236 8.91 14.31 25.77
N ILE A 237 8.84 14.44 27.11
CA ILE A 237 9.43 13.43 27.98
C ILE A 237 8.60 12.16 27.95
N LEU A 238 7.28 12.29 27.86
CA LEU A 238 6.43 11.10 27.76
C LEU A 238 6.70 10.32 26.49
N THR A 239 7.18 10.96 25.45
CA THR A 239 7.42 10.26 24.18
C THR A 239 8.65 9.38 24.26
N LYS A 240 9.67 9.84 25.00
CA LYS A 240 10.87 9.03 25.15
C LYS A 240 10.61 7.83 26.04
N LYS A 241 10.06 8.05 27.23
CA LYS A 241 9.77 6.94 28.15
C LYS A 241 8.87 5.89 27.53
N SER A 242 8.02 6.28 26.57
CA SER A 242 7.18 5.33 25.85
C SER A 242 7.91 4.64 24.69
N GLY A 243 9.11 5.09 24.33
CA GLY A 243 9.85 4.48 23.25
C GLY A 243 9.55 5.02 21.87
N PHE A 244 8.81 6.11 21.76
CA PHE A 244 8.48 6.73 20.48
C PHE A 244 9.43 7.88 20.20
N GLN A 245 9.52 8.25 18.92
CA GLN A 245 10.43 9.30 18.49
C GLN A 245 9.77 10.66 18.34
N ARG A 246 8.46 10.71 18.12
CA ARG A 246 7.74 11.96 17.99
C ARG A 246 6.27 11.72 18.31
N SER A 247 5.50 12.80 18.32
CA SER A 247 4.08 12.72 18.63
C SER A 247 3.31 13.65 17.71
N TRP A 248 2.04 13.31 17.49
CA TRP A 248 1.16 14.17 16.73
C TRP A 248 0.92 15.48 17.47
N CYS A 249 0.85 16.58 16.72
CA CYS A 249 0.75 17.92 17.32
C CYS A 249 -0.67 18.49 17.32
N VAL A 250 -1.46 18.20 16.28
CA VAL A 250 -2.77 18.84 16.14
C VAL A 250 -3.87 17.78 16.08
N THR A 251 -3.89 16.88 17.05
CA THR A 251 -4.94 15.87 17.11
C THR A 251 -6.26 16.51 17.55
N GLY A 252 -7.33 15.75 17.36
CA GLY A 252 -8.57 16.03 18.04
C GLY A 252 -8.52 15.35 19.40
N GLN A 253 -9.46 14.44 19.65
CA GLN A 253 -9.42 13.67 20.89
C GLN A 253 -8.39 12.56 20.84
N THR A 254 -8.36 11.81 19.73
CA THR A 254 -7.51 10.64 19.58
C THR A 254 -6.41 10.90 18.57
N TYR A 255 -5.52 9.91 18.42
CA TYR A 255 -4.57 9.97 17.33
C TYR A 255 -5.33 9.83 16.00
N PRO A 256 -4.83 10.45 14.94
CA PRO A 256 -5.56 10.41 13.65
C PRO A 256 -5.80 8.97 13.21
N ARG A 257 -7.08 8.60 13.09
CA ARG A 257 -7.44 7.23 12.77
C ARG A 257 -6.94 6.80 11.40
N LYS A 258 -6.46 7.73 10.57
CA LYS A 258 -5.84 7.35 9.31
C LYS A 258 -4.68 6.40 9.51
N VAL A 259 -4.04 6.45 10.68
CA VAL A 259 -2.97 5.51 11.01
C VAL A 259 -3.49 4.08 10.96
N ASP A 260 -4.73 3.86 11.43
CA ASP A 260 -5.30 2.52 11.39
C ASP A 260 -5.53 2.03 9.97
N ILE A 261 -5.78 2.94 9.03
CA ILE A 261 -5.87 2.55 7.63
C ILE A 261 -4.52 2.04 7.15
N GLU A 262 -3.45 2.79 7.44
CA GLU A 262 -2.12 2.41 7.01
C GLU A 262 -1.74 1.04 7.54
N ILE A 263 -2.11 0.75 8.79
CA ILE A 263 -1.76 -0.53 9.40
C ILE A 263 -2.50 -1.67 8.69
N THR A 264 -3.83 -1.57 8.60
CA THR A 264 -4.61 -2.66 8.01
C THR A 264 -4.34 -2.80 6.51
N ASN A 265 -4.08 -1.70 5.81
CA ASN A 265 -3.72 -1.78 4.40
C ASN A 265 -2.46 -2.60 4.19
N ALA A 266 -1.44 -2.38 5.03
CA ALA A 266 -0.22 -3.15 4.91
C ALA A 266 -0.43 -4.61 5.29
N LEU A 267 -1.26 -4.85 6.31
CA LEU A 267 -1.58 -6.23 6.68
C LEU A 267 -2.40 -6.91 5.60
N SER A 268 -3.38 -6.21 5.02
CA SER A 268 -4.14 -6.77 3.91
C SER A 268 -3.25 -7.03 2.70
N ASN A 269 -2.22 -6.20 2.51
CA ASN A 269 -1.27 -6.43 1.43
C ASN A 269 -0.51 -7.73 1.63
N ILE A 270 -0.16 -8.05 2.89
CA ILE A 270 0.45 -9.33 3.19
C ILE A 270 -0.48 -10.46 2.83
N GLY A 271 -1.78 -10.30 3.10
CA GLY A 271 -2.74 -11.31 2.73
C GLY A 271 -2.76 -11.58 1.23
N ALA A 272 -2.69 -10.52 0.43
CA ALA A 272 -2.63 -10.69 -1.02
C ALA A 272 -1.39 -11.48 -1.44
N THR A 273 -0.24 -11.15 -0.83
CA THR A 273 0.99 -11.86 -1.14
C THR A 273 0.87 -13.35 -0.78
N VAL A 274 0.40 -13.65 0.43
CA VAL A 274 0.30 -15.03 0.87
C VAL A 274 -0.69 -15.80 0.00
N HIS A 275 -1.80 -15.15 -0.37
CA HIS A 275 -2.81 -15.83 -1.19
C HIS A 275 -2.26 -16.17 -2.58
N LYS A 276 -1.49 -15.27 -3.18
CA LYS A 276 -0.91 -15.55 -4.50
C LYS A 276 0.12 -16.66 -4.42
N ILE A 277 1.01 -16.60 -3.41
CA ILE A 277 2.06 -17.61 -3.28
C ILE A 277 1.44 -18.99 -3.09
N CYS A 278 0.48 -19.10 -2.19
CA CYS A 278 -0.07 -20.41 -1.86
C CYS A 278 -1.02 -20.93 -2.94
N THR A 279 -1.65 -20.03 -3.70
CA THR A 279 -2.39 -20.48 -4.88
C THR A 279 -1.44 -21.03 -5.93
N ASP A 280 -0.29 -20.39 -6.12
CA ASP A 280 0.72 -20.90 -7.05
C ASP A 280 1.17 -22.30 -6.64
N ILE A 281 1.38 -22.52 -5.34
CA ILE A 281 1.80 -23.83 -4.87
C ILE A 281 0.69 -24.86 -5.11
N ARG A 282 -0.56 -24.47 -4.88
CA ARG A 282 -1.67 -25.37 -5.15
C ARG A 282 -1.75 -25.70 -6.64
N LEU A 283 -1.49 -24.72 -7.51
CA LEU A 283 -1.46 -24.97 -8.94
C LEU A 283 -0.31 -25.91 -9.31
N LEU A 284 0.88 -25.65 -8.76
CA LEU A 284 2.02 -26.51 -9.05
C LEU A 284 1.87 -27.91 -8.46
N SER A 285 1.02 -28.07 -7.44
CA SER A 285 0.75 -29.40 -6.92
C SER A 285 -0.13 -30.20 -7.88
N SER A 286 -0.99 -29.53 -8.64
CA SER A 286 -1.82 -30.23 -9.61
C SER A 286 -0.98 -30.76 -10.77
N PHE A 287 0.14 -30.11 -11.07
CA PHE A 287 1.10 -30.61 -12.06
C PHE A 287 2.08 -31.62 -11.48
N HIS A 288 1.97 -31.91 -10.18
CA HIS A 288 2.80 -32.89 -9.48
C HIS A 288 4.28 -32.50 -9.47
N GLU A 289 4.58 -31.22 -9.65
CA GLU A 289 5.95 -30.75 -9.61
C GLU A 289 6.42 -30.38 -8.21
N VAL A 290 5.49 -30.04 -7.31
CA VAL A 290 5.82 -29.73 -5.93
C VAL A 290 4.83 -30.45 -5.01
N GLU A 291 5.17 -30.47 -3.73
CA GLU A 291 4.32 -31.07 -2.70
C GLU A 291 4.66 -30.43 -1.36
N GLU A 292 3.65 -29.92 -0.67
CA GLU A 292 3.87 -29.26 0.60
C GLU A 292 4.19 -30.27 1.70
N PRO A 293 4.75 -29.84 2.82
CA PRO A 293 5.08 -30.79 3.90
C PRO A 293 3.82 -31.35 4.54
N PHE A 294 3.91 -32.63 4.91
CA PHE A 294 2.83 -33.33 5.61
C PHE A 294 3.42 -34.11 6.78
N GLU A 295 2.59 -34.88 7.46
CA GLU A 295 3.02 -35.67 8.61
C GLU A 295 3.44 -37.06 8.19
N THR A 296 4.58 -37.51 8.71
CA THR A 296 5.07 -38.85 8.43
C THR A 296 4.77 -39.80 9.57
N LYS A 307 -3.02 -39.02 -2.65
CA LYS A 307 -2.70 -39.47 -1.31
C LYS A 307 -2.67 -38.30 -0.32
N ARG A 308 -2.07 -37.18 -0.75
CA ARG A 308 -2.01 -35.99 0.07
C ARG A 308 -2.44 -34.77 -0.74
N ASN A 309 -3.08 -33.82 -0.07
CA ASN A 309 -3.57 -32.60 -0.66
C ASN A 309 -2.83 -31.39 -0.09
N PRO A 310 -2.80 -30.22 -0.84
CA PRO A 310 -2.15 -29.01 -0.29
C PRO A 310 -3.01 -28.32 0.75
N ILE A 311 -3.21 -29.01 1.88
CA ILE A 311 -4.14 -28.54 2.91
C ILE A 311 -3.62 -27.26 3.57
N ARG A 312 -2.31 -27.15 3.76
CA ARG A 312 -1.77 -25.99 4.43
C ARG A 312 -1.82 -24.74 3.55
N SER A 313 -1.54 -24.90 2.26
CA SER A 313 -1.65 -23.76 1.35
C SER A 313 -3.11 -23.33 1.20
N GLU A 314 -4.04 -24.29 1.21
CA GLU A 314 -5.45 -23.94 1.17
C GLU A 314 -5.89 -23.21 2.44
N ARG A 315 -5.45 -23.68 3.61
CA ARG A 315 -5.75 -22.96 4.84
C ARG A 315 -5.15 -21.57 4.83
N ALA A 316 -3.93 -21.43 4.32
CA ALA A 316 -3.30 -20.12 4.26
C ALA A 316 -4.04 -19.18 3.32
N CYS A 317 -4.65 -19.72 2.26
CA CYS A 317 -5.41 -18.87 1.34
C CYS A 317 -6.69 -18.35 1.99
N SER A 318 -7.39 -19.21 2.75
CA SER A 318 -8.62 -18.78 3.40
C SER A 318 -8.35 -17.68 4.42
N LEU A 319 -7.33 -17.85 5.26
CA LEU A 319 -7.00 -16.82 6.24
C LEU A 319 -6.45 -15.56 5.58
N ALA A 320 -5.71 -15.71 4.47
CA ALA A 320 -5.22 -14.55 3.74
C ALA A 320 -6.37 -13.78 3.10
N ARG A 321 -7.38 -14.50 2.60
CA ARG A 321 -8.54 -13.84 2.03
C ARG A 321 -9.28 -13.02 3.09
N TYR A 322 -9.44 -13.59 4.28
CA TYR A 322 -10.05 -12.85 5.38
C TYR A 322 -9.21 -11.62 5.73
N LEU A 323 -7.89 -11.78 5.75
CA LEU A 323 -7.02 -10.65 6.02
C LEU A 323 -7.08 -9.60 4.91
N MET A 324 -7.24 -10.04 3.66
CA MET A 324 -7.30 -9.12 2.54
C MET A 324 -8.44 -8.12 2.67
N HIS A 325 -9.60 -8.59 3.11
CA HIS A 325 -10.82 -7.77 3.07
C HIS A 325 -11.11 -7.05 4.37
N ILE A 326 -10.32 -7.28 5.43
CA ILE A 326 -10.59 -6.67 6.71
C ILE A 326 -10.28 -5.18 6.74
N SER A 327 -9.65 -4.65 5.69
CA SER A 327 -9.21 -3.26 5.71
C SER A 327 -10.34 -2.29 5.37
N THR A 328 -11.36 -2.75 4.63
CA THR A 328 -12.44 -1.85 4.22
C THR A 328 -13.24 -1.32 5.40
N SER A 329 -13.22 -2.00 6.54
CA SER A 329 -13.93 -1.50 7.71
C SER A 329 -13.26 -0.26 8.27
N MET A 330 -11.94 -0.18 8.19
CA MET A 330 -11.23 0.97 8.77
C MET A 330 -11.38 2.20 7.90
N VAL A 331 -11.32 2.05 6.58
CA VAL A 331 -11.45 3.21 5.70
C VAL A 331 -12.85 3.80 5.78
N SER A 332 -13.87 2.95 5.99
CA SER A 332 -15.21 3.48 6.24
C SER A 332 -15.28 4.17 7.59
N THR A 333 -14.60 3.61 8.60
CA THR A 333 -14.62 4.20 9.94
C THR A 333 -14.00 5.59 9.95
N VAL A 334 -12.81 5.73 9.34
CA VAL A 334 -12.11 7.01 9.35
C VAL A 334 -12.94 8.08 8.64
N SER A 335 -13.63 7.69 7.57
CA SER A 335 -14.37 8.66 6.75
C SER A 335 -15.50 9.33 7.51
N VAL A 336 -16.04 8.70 8.55
CA VAL A 336 -17.19 9.23 9.26
C VAL A 336 -16.84 9.62 10.70
N GLN A 337 -15.56 9.87 10.98
CA GLN A 337 -15.19 10.45 12.27
C GLN A 337 -15.67 11.89 12.33
N TRP A 338 -16.57 12.17 13.27
CA TRP A 338 -17.26 13.46 13.32
C TRP A 338 -16.43 14.46 14.11
N LEU A 339 -15.87 15.44 13.39
CA LEU A 339 -15.20 16.59 14.01
C LEU A 339 -14.12 16.16 15.00
N GLU A 340 -14.25 16.57 16.25
CA GLU A 340 -13.20 16.30 17.22
C GLU A 340 -13.15 14.83 17.62
N ARG A 341 -14.29 14.14 17.60
CA ARG A 341 -14.34 12.71 17.86
C ARG A 341 -15.78 12.22 17.73
N SER A 342 -15.91 10.92 17.45
CA SER A 342 -17.17 10.21 17.58
C SER A 342 -16.84 8.76 17.91
N LEU A 343 -17.57 8.20 18.88
CA LEU A 343 -17.21 6.92 19.46
C LEU A 343 -17.56 5.72 18.57
N ASP A 344 -18.06 5.95 17.36
CA ASP A 344 -18.40 4.80 16.50
C ASP A 344 -17.16 4.08 15.95
N ASP A 345 -15.97 4.38 16.46
CA ASP A 345 -14.77 3.64 16.10
C ASP A 345 -14.32 2.68 17.20
N SER A 346 -14.85 2.83 18.42
CA SER A 346 -14.34 2.10 19.58
C SER A 346 -14.54 0.60 19.43
N ALA A 347 -15.79 0.18 19.19
CA ALA A 347 -16.07 -1.25 19.15
C ALA A 347 -15.39 -1.92 17.95
N ILE A 348 -15.38 -1.25 16.80
CA ILE A 348 -14.85 -1.89 15.59
C ILE A 348 -13.33 -1.96 15.63
N ARG A 349 -12.67 -1.03 16.35
CA ARG A 349 -11.22 -1.07 16.42
C ARG A 349 -10.71 -2.21 17.28
N ARG A 350 -11.42 -2.54 18.36
CA ARG A 350 -11.03 -3.68 19.19
C ARG A 350 -11.36 -5.02 18.55
N ILE A 351 -12.01 -5.04 17.39
CA ILE A 351 -12.24 -6.26 16.65
C ILE A 351 -11.26 -6.35 15.49
N VAL A 352 -11.27 -5.33 14.62
CA VAL A 352 -10.56 -5.42 13.35
C VAL A 352 -9.06 -5.37 13.56
N LEU A 353 -8.58 -4.46 14.42
CA LEU A 353 -7.13 -4.34 14.62
C LEU A 353 -6.52 -5.61 15.18
N PRO A 354 -7.00 -6.19 16.29
CA PRO A 354 -6.37 -7.44 16.77
C PRO A 354 -6.53 -8.60 15.80
N GLU A 355 -7.71 -8.73 15.17
CA GLU A 355 -7.91 -9.86 14.27
C GLU A 355 -7.04 -9.75 13.02
N ALA A 356 -6.83 -8.53 12.52
CA ALA A 356 -5.93 -8.35 11.40
C ALA A 356 -4.52 -8.80 11.76
N PHE A 357 -4.05 -8.44 12.95
CA PHE A 357 -2.74 -8.90 13.41
C PHE A 357 -2.73 -10.40 13.65
N LEU A 358 -3.81 -10.94 14.23
CA LEU A 358 -3.88 -12.38 14.43
C LEU A 358 -3.94 -13.13 13.10
N ALA A 359 -4.67 -12.61 12.13
CA ALA A 359 -4.75 -13.25 10.83
C ALA A 359 -3.42 -13.16 10.09
N ALA A 360 -2.76 -12.00 10.16
CA ALA A 360 -1.44 -11.88 9.55
C ALA A 360 -0.43 -12.81 10.22
N ASP A 361 -0.52 -12.94 11.55
CA ASP A 361 0.39 -13.83 12.26
C ASP A 361 0.19 -15.28 11.84
N ALA A 362 -1.07 -15.70 11.65
CA ALA A 362 -1.33 -17.08 11.29
C ALA A 362 -0.90 -17.37 9.86
N CYS A 363 -1.08 -16.40 8.96
CA CYS A 363 -0.67 -16.59 7.56
C CYS A 363 0.84 -16.77 7.45
N LEU A 364 1.61 -15.94 8.15
CA LEU A 364 3.06 -16.03 8.04
C LEU A 364 3.60 -17.27 8.75
N THR A 365 2.91 -17.74 9.79
CA THR A 365 3.28 -19.01 10.40
C THR A 365 3.10 -20.16 9.40
N LEU A 366 1.96 -20.19 8.70
CA LEU A 366 1.74 -21.21 7.69
C LEU A 366 2.73 -21.10 6.55
N LEU A 367 2.97 -19.88 6.07
CA LEU A 367 3.86 -19.70 4.92
C LEU A 367 5.29 -20.12 5.25
N GLN A 368 5.74 -19.87 6.48
CA GLN A 368 7.06 -20.34 6.88
C GLN A 368 7.12 -21.86 6.92
N ASN A 369 6.03 -22.50 7.38
CA ASN A 369 5.95 -23.96 7.34
C ASN A 369 6.13 -24.46 5.92
N ILE A 370 5.29 -23.98 5.02
CA ILE A 370 5.27 -24.46 3.65
C ILE A 370 6.63 -24.26 3.00
N ALA A 371 7.25 -23.10 3.23
CA ALA A 371 8.56 -22.82 2.66
C ALA A 371 9.62 -23.77 3.22
N GLU A 372 9.57 -24.06 4.52
CA GLU A 372 10.60 -24.90 5.13
C GLU A 372 10.49 -26.35 4.68
N GLY A 373 9.30 -26.81 4.32
CA GLY A 373 9.11 -28.21 4.01
C GLY A 373 8.63 -28.48 2.59
N LEU A 374 8.59 -27.45 1.75
CA LEU A 374 8.14 -27.64 0.37
C LEU A 374 9.04 -28.63 -0.34
N ILE A 375 8.44 -29.68 -0.91
CA ILE A 375 9.14 -30.71 -1.65
C ILE A 375 8.93 -30.46 -3.14
N VAL A 376 10.02 -30.48 -3.91
CA VAL A 376 9.95 -30.35 -5.35
C VAL A 376 10.35 -31.66 -5.99
N TYR A 377 9.84 -31.92 -7.19
CA TYR A 377 10.10 -33.17 -7.91
C TYR A 377 10.80 -32.86 -9.23
N PRO A 378 12.12 -32.98 -9.29
CA PRO A 378 12.84 -32.62 -10.52
C PRO A 378 12.51 -33.51 -11.71
N MET A 379 12.28 -34.81 -11.47
CA MET A 379 11.97 -35.70 -12.59
C MET A 379 10.62 -35.36 -13.21
N VAL A 380 9.65 -34.97 -12.39
CA VAL A 380 8.35 -34.57 -12.93
C VAL A 380 8.48 -33.27 -13.73
N MET A 381 9.23 -32.30 -13.19
CA MET A 381 9.45 -31.04 -13.92
C MET A 381 10.09 -31.31 -15.27
N GLU A 382 11.09 -32.19 -15.33
CA GLU A 382 11.75 -32.47 -16.60
C GLU A 382 10.82 -33.19 -17.55
N ALA A 383 9.99 -34.10 -17.04
CA ALA A 383 9.05 -34.82 -17.89
C ALA A 383 7.99 -33.87 -18.47
N ASN A 384 7.41 -33.02 -17.63
CA ASN A 384 6.47 -32.02 -18.12
C ASN A 384 7.16 -31.06 -19.08
N LEU A 385 8.43 -30.75 -18.83
CA LEU A 385 9.19 -29.89 -19.73
C LEU A 385 9.44 -30.59 -21.07
N ASN A 386 9.92 -31.83 -21.04
CA ASN A 386 10.26 -32.53 -22.27
C ASN A 386 9.03 -32.77 -23.14
N SER A 387 7.86 -32.92 -22.53
CA SER A 387 6.65 -33.20 -23.31
C SER A 387 6.14 -31.97 -24.06
N GLU A 388 6.58 -30.77 -23.68
CA GLU A 388 6.10 -29.55 -24.28
C GLU A 388 7.15 -28.80 -25.11
N LEU A 389 8.43 -29.12 -24.92
CA LEU A 389 9.48 -28.45 -25.70
C LEU A 389 9.34 -28.61 -27.20
N PRO A 390 8.91 -29.75 -27.76
CA PRO A 390 8.75 -29.83 -29.22
C PRO A 390 7.84 -28.75 -29.78
N PHE A 391 6.82 -28.32 -29.05
CA PHE A 391 5.88 -27.33 -29.55
C PHE A 391 6.24 -25.90 -29.15
N LEU A 392 7.02 -25.72 -28.08
CA LEU A 392 7.42 -24.37 -27.67
C LEU A 392 8.40 -23.75 -28.65
N VAL A 393 9.18 -24.58 -29.33
CA VAL A 393 10.26 -24.08 -30.18
C VAL A 393 9.83 -23.84 -31.62
N VAL A 394 8.58 -24.15 -32.00
CA VAL A 394 8.27 -24.10 -33.43
C VAL A 394 8.15 -22.66 -33.93
N GLU A 395 7.90 -21.70 -33.04
CA GLU A 395 7.89 -20.31 -33.50
C GLU A 395 9.30 -19.85 -33.87
N ARG A 396 10.29 -20.16 -33.03
CA ARG A 396 11.60 -19.55 -33.19
C ARG A 396 12.37 -20.16 -34.36
N ILE A 397 12.25 -21.48 -34.56
CA ILE A 397 12.90 -22.14 -35.69
C ILE A 397 12.24 -21.74 -37.02
N LEU A 398 10.92 -21.57 -37.01
CA LEU A 398 10.23 -21.15 -38.24
C LEU A 398 10.67 -19.75 -38.65
N VAL A 399 10.85 -18.85 -37.67
CA VAL A 399 11.34 -17.51 -37.97
C VAL A 399 12.73 -17.58 -38.61
N LYS A 400 13.60 -18.42 -38.07
CA LYS A 400 14.95 -18.55 -38.63
C LYS A 400 14.90 -19.16 -40.02
N MET A 401 13.98 -20.11 -40.25
CA MET A 401 13.88 -20.74 -41.57
C MET A 401 13.42 -19.74 -42.62
N VAL A 402 12.49 -18.86 -42.27
CA VAL A 402 11.98 -17.88 -43.23
C VAL A 402 13.11 -16.95 -43.68
N SER A 403 13.93 -16.48 -42.73
CA SER A 403 15.05 -15.63 -43.10
C SER A 403 16.08 -16.38 -43.95
N GLU A 404 16.12 -17.72 -43.82
CA GLU A 404 17.04 -18.53 -44.62
C GLU A 404 16.48 -18.89 -45.99
N GLY A 405 15.25 -18.52 -46.29
CA GLY A 405 14.71 -18.74 -47.62
C GLY A 405 13.45 -19.58 -47.69
N ALA A 406 12.89 -19.90 -46.53
CA ALA A 406 11.66 -20.69 -46.49
C ALA A 406 10.51 -19.87 -47.04
N ALA A 407 10.34 -19.89 -48.37
CA ALA A 407 9.33 -19.08 -49.03
C ALA A 407 7.92 -19.66 -48.91
N ASN A 408 7.78 -20.88 -48.40
CA ASN A 408 6.48 -21.47 -48.11
C ASN A 408 6.35 -21.56 -46.59
N ARG A 409 5.91 -20.44 -45.98
CA ARG A 409 5.86 -20.35 -44.53
C ARG A 409 4.87 -21.36 -43.95
N GLN A 410 3.71 -21.53 -44.61
CA GLN A 410 2.72 -22.48 -44.10
C GLN A 410 3.22 -23.91 -44.25
N GLU A 411 3.84 -24.23 -45.39
CA GLU A 411 4.45 -25.55 -45.55
C GLU A 411 5.52 -25.80 -44.51
N CYS A 412 6.42 -24.83 -44.32
CA CYS A 412 7.49 -24.99 -43.35
C CYS A 412 6.93 -25.15 -41.94
N HIS A 413 5.87 -24.39 -41.61
CA HIS A 413 5.25 -24.53 -40.30
C HIS A 413 4.60 -25.90 -40.15
N GLU A 414 3.88 -26.35 -41.17
CA GLU A 414 3.21 -27.65 -41.10
C GLU A 414 4.24 -28.79 -41.01
N ARG A 415 5.37 -28.64 -41.70
CA ARG A 415 6.42 -29.65 -41.62
C ARG A 415 7.07 -29.68 -40.24
N LEU A 416 7.19 -28.51 -39.59
CA LEU A 416 7.72 -28.46 -38.23
C LEU A 416 6.75 -29.08 -37.23
N ARG A 417 5.45 -28.75 -37.36
CA ARG A 417 4.46 -29.29 -36.45
C ARG A 417 4.37 -30.81 -36.54
N LYS A 418 4.64 -31.37 -37.73
CA LYS A 418 4.63 -32.82 -37.87
C LYS A 418 5.83 -33.44 -37.17
N HIS A 419 7.01 -32.83 -37.32
CA HIS A 419 8.19 -33.30 -36.59
C HIS A 419 7.96 -33.21 -35.08
N SER A 420 7.39 -32.10 -34.61
CA SER A 420 7.19 -31.91 -33.18
C SER A 420 6.17 -32.89 -32.63
N HIS A 421 5.04 -33.07 -33.35
CA HIS A 421 4.02 -34.01 -32.90
C HIS A 421 4.57 -35.43 -32.85
N GLU A 422 5.36 -35.82 -33.86
CA GLU A 422 5.96 -37.15 -33.84
C GLU A 422 7.06 -37.25 -32.81
N ALA A 423 7.76 -36.15 -32.52
CA ALA A 423 8.80 -36.20 -31.50
C ALA A 423 8.20 -36.37 -30.11
N ALA A 424 7.08 -35.69 -29.84
CA ALA A 424 6.43 -35.83 -28.54
C ALA A 424 5.98 -37.26 -28.27
N ALA A 425 5.64 -38.00 -29.34
CA ALA A 425 5.26 -39.39 -29.15
C ALA A 425 6.46 -40.27 -28.84
N GLU A 426 7.58 -40.04 -29.53
CA GLU A 426 8.78 -40.85 -29.28
C GLU A 426 9.34 -40.59 -27.90
N ILE A 427 9.21 -39.36 -27.38
CA ILE A 427 9.70 -39.07 -26.04
C ILE A 427 8.89 -39.81 -25.00
N LYS A 428 7.56 -39.82 -25.14
CA LYS A 428 6.71 -40.40 -24.11
C LYS A 428 6.82 -41.92 -24.07
N LEU A 429 6.67 -42.57 -25.23
CA LEU A 429 6.62 -44.02 -25.28
C LEU A 429 7.99 -44.69 -25.30
N LYS A 430 8.98 -44.07 -25.96
CA LYS A 430 10.29 -44.70 -26.10
C LYS A 430 11.36 -44.08 -25.21
N GLY A 431 11.09 -42.94 -24.58
CA GLY A 431 12.08 -42.31 -23.74
C GLY A 431 13.20 -41.61 -24.46
N LEU A 432 13.11 -41.47 -25.77
CA LEU A 432 14.14 -40.79 -26.56
C LEU A 432 14.07 -39.29 -26.33
N LYS A 433 14.87 -38.78 -25.40
CA LYS A 433 14.77 -37.37 -25.03
C LYS A 433 15.23 -36.45 -26.16
N ASN A 434 16.35 -36.76 -26.79
CA ASN A 434 16.85 -35.95 -27.90
C ASN A 434 16.20 -36.35 -29.22
N SER A 435 14.86 -36.40 -29.24
CA SER A 435 14.14 -36.87 -30.42
C SER A 435 14.03 -35.79 -31.47
N LEU A 436 13.54 -34.60 -31.09
CA LEU A 436 13.36 -33.53 -32.06
C LEU A 436 14.68 -33.10 -32.68
N MET A 437 15.78 -33.19 -31.93
CA MET A 437 17.10 -32.90 -32.49
C MET A 437 17.42 -33.82 -33.65
N ASP A 438 17.30 -35.13 -33.45
CA ASP A 438 17.65 -36.09 -34.50
C ASP A 438 16.72 -35.97 -35.69
N LYS A 439 15.45 -35.65 -35.46
CA LYS A 439 14.49 -35.54 -36.55
C LYS A 439 14.87 -34.39 -37.49
N LEU A 440 15.14 -33.22 -36.92
CA LEU A 440 15.47 -32.06 -37.75
C LEU A 440 16.87 -32.19 -38.35
N LEU A 441 17.77 -32.92 -37.70
CA LEU A 441 19.10 -33.13 -38.27
C LEU A 441 19.07 -34.11 -39.43
N ASN A 442 18.12 -35.05 -39.43
CA ASN A 442 17.98 -35.99 -40.52
C ASN A 442 17.17 -35.45 -41.69
N ASP A 443 16.41 -34.38 -41.48
CA ASP A 443 15.60 -33.75 -42.53
C ASP A 443 16.38 -32.54 -43.03
N TYR A 444 16.99 -32.67 -44.21
CA TYR A 444 17.79 -31.60 -44.78
C TYR A 444 16.94 -30.49 -45.42
N TYR A 445 15.61 -30.57 -45.28
CA TYR A 445 14.79 -29.40 -45.53
C TYR A 445 15.18 -28.26 -44.60
N PHE A 446 15.56 -28.58 -43.36
CA PHE A 446 15.99 -27.61 -42.38
C PHE A 446 17.52 -27.53 -42.28
N ALA A 447 18.23 -27.89 -43.35
CA ALA A 447 19.69 -27.82 -43.34
C ALA A 447 20.23 -26.42 -43.03
N PRO A 448 19.63 -25.31 -43.50
CA PRO A 448 20.20 -23.99 -43.18
C PRO A 448 20.37 -23.71 -41.68
N ILE A 449 19.67 -24.43 -40.81
CA ILE A 449 19.79 -24.17 -39.38
C ILE A 449 20.32 -25.39 -38.63
N HIS A 450 20.92 -26.35 -39.34
CA HIS A 450 21.41 -27.56 -38.68
C HIS A 450 22.48 -27.24 -37.65
N SER A 451 23.36 -26.27 -37.96
CA SER A 451 24.44 -25.92 -37.05
C SER A 451 23.97 -25.12 -35.84
N LEU A 452 22.80 -24.48 -35.93
CA LEU A 452 22.28 -23.68 -34.83
C LEU A 452 21.36 -24.47 -33.90
N LEU A 453 20.93 -25.66 -34.30
CA LEU A 453 19.98 -26.41 -33.49
C LEU A 453 20.51 -26.84 -32.13
N PRO A 454 21.75 -27.34 -31.97
CA PRO A 454 22.20 -27.76 -30.63
C PRO A 454 22.06 -26.69 -29.57
N THR A 455 22.17 -25.42 -29.92
CA THR A 455 21.95 -24.33 -28.97
C THR A 455 20.49 -23.90 -28.92
N VAL A 456 19.83 -23.82 -30.08
CA VAL A 456 18.42 -23.45 -30.13
C VAL A 456 17.59 -24.41 -29.29
N LEU A 457 17.93 -25.69 -29.30
CA LEU A 457 17.20 -26.72 -28.57
C LEU A 457 17.71 -26.92 -27.15
N ASP A 458 18.70 -26.15 -26.71
CA ASP A 458 19.27 -26.31 -25.38
C ASP A 458 18.37 -25.65 -24.35
N PRO A 459 17.80 -26.39 -23.39
CA PRO A 459 16.98 -25.73 -22.35
C PRO A 459 17.77 -24.73 -21.52
N SER A 460 19.06 -24.99 -21.27
CA SER A 460 19.90 -24.03 -20.56
C SER A 460 20.03 -22.73 -21.33
N TYR A 461 19.80 -22.74 -22.64
CA TYR A 461 19.79 -21.52 -23.42
C TYR A 461 18.43 -20.84 -23.38
N MET A 462 17.35 -21.62 -23.38
CA MET A 462 16.00 -21.06 -23.44
C MET A 462 15.63 -20.27 -22.19
N ILE A 463 16.28 -20.57 -21.05
CA ILE A 463 15.92 -19.88 -19.81
C ILE A 463 16.48 -18.47 -19.71
N GLY A 464 17.25 -18.03 -20.72
CA GLY A 464 17.74 -16.67 -20.71
C GLY A 464 18.67 -16.40 -19.55
N ARG A 465 18.43 -15.31 -18.82
CA ARG A 465 19.24 -14.92 -17.68
C ARG A 465 18.63 -15.35 -16.35
N ALA A 466 17.82 -16.42 -16.35
CA ALA A 466 17.11 -16.83 -15.15
C ALA A 466 18.07 -17.10 -14.00
N VAL A 467 19.16 -17.81 -14.27
CA VAL A 467 20.12 -18.15 -13.20
C VAL A 467 20.77 -16.89 -12.65
N GLU A 468 21.25 -16.02 -13.54
CA GLU A 468 21.94 -14.81 -13.09
C GLU A 468 21.00 -13.83 -12.40
N GLN A 469 19.73 -13.83 -12.78
CA GLN A 469 18.76 -12.94 -12.13
C GLN A 469 18.55 -13.35 -10.68
N VAL A 470 18.55 -14.66 -10.39
CA VAL A 470 18.45 -15.12 -9.01
C VAL A 470 19.65 -14.64 -8.20
N GLU A 471 20.86 -14.72 -8.77
CA GLU A 471 22.06 -14.37 -8.03
C GLU A 471 22.08 -12.88 -7.68
N VAL A 472 21.79 -12.03 -8.66
CA VAL A 472 21.79 -10.59 -8.40
C VAL A 472 20.70 -10.22 -7.40
N PHE A 473 19.52 -10.82 -7.55
CA PHE A 473 18.40 -10.49 -6.67
C PHE A 473 18.70 -10.86 -5.22
N LEU A 474 19.28 -12.04 -5.00
CA LEU A 474 19.59 -12.46 -3.63
C LEU A 474 20.68 -11.60 -3.02
N ASN A 475 21.73 -11.29 -3.78
CA ASN A 475 22.86 -10.54 -3.24
C ASN A 475 22.54 -9.06 -3.09
N THR A 476 21.80 -8.49 -4.04
CA THR A 476 21.61 -7.05 -4.09
C THR A 476 20.36 -6.58 -3.35
N GLU A 477 19.33 -7.42 -3.24
CA GLU A 477 18.08 -6.98 -2.63
C GLU A 477 17.65 -7.81 -1.42
N VAL A 478 17.83 -9.13 -1.45
CA VAL A 478 17.35 -9.95 -0.34
C VAL A 478 18.27 -9.85 0.86
N ASP A 479 19.57 -10.08 0.66
CA ASP A 479 20.51 -10.06 1.78
C ASP A 479 20.52 -8.73 2.55
N PRO A 480 20.51 -7.55 1.91
CA PRO A 480 20.44 -6.32 2.71
C PRO A 480 19.12 -6.15 3.45
N ALA A 481 18.02 -6.68 2.91
CA ALA A 481 16.71 -6.42 3.51
C ALA A 481 16.55 -7.15 4.84
N ILE A 482 17.04 -8.38 4.94
CA ILE A 482 16.86 -9.20 6.14
C ILE A 482 18.15 -9.31 6.95
N HIS A 483 19.15 -8.47 6.67
CA HIS A 483 20.41 -8.56 7.40
C HIS A 483 20.23 -8.22 8.87
N SER A 484 19.33 -7.28 9.19
CA SER A 484 19.11 -6.88 10.58
C SER A 484 18.41 -7.96 11.39
N TYR A 485 17.84 -8.98 10.75
CA TYR A 485 17.17 -10.06 11.43
C TYR A 485 18.04 -11.31 11.56
N LYS A 486 19.36 -11.16 11.43
CA LYS A 486 20.24 -12.32 11.39
C LYS A 486 20.21 -13.11 12.69
N ASP A 487 20.08 -12.42 13.82
CA ASP A 487 20.04 -13.09 15.12
C ASP A 487 18.65 -13.60 15.49
N CYS A 488 17.77 -13.84 14.51
CA CYS A 488 16.44 -14.36 14.80
C CYS A 488 15.84 -15.04 13.56
N LEU A 489 16.69 -15.61 12.71
CA LEU A 489 16.22 -16.35 11.55
C LEU A 489 16.19 -17.86 11.78
N ALA A 490 16.55 -18.30 12.99
CA ALA A 490 16.75 -19.73 13.22
C ALA A 490 15.47 -20.45 13.65
N LEU A 491 14.44 -19.71 14.10
CA LEU A 491 13.26 -20.37 14.62
C LEU A 491 12.60 -21.22 13.55
N ASN A 492 12.29 -22.46 13.91
CA ASN A 492 11.48 -23.36 13.10
C ASN A 492 10.03 -23.23 13.56
N SER A 493 9.15 -22.87 12.64
CA SER A 493 7.74 -22.70 12.92
C SER A 493 7.04 -24.04 12.66
N ASN A 494 6.22 -24.49 13.60
CA ASN A 494 5.57 -25.79 13.50
C ASN A 494 4.07 -25.62 13.46
N ILE A 495 3.40 -26.41 12.62
CA ILE A 495 1.94 -26.38 12.53
C ILE A 495 1.37 -27.36 13.55
N THR A 496 0.48 -26.87 14.40
CA THR A 496 -0.11 -27.70 15.45
C THR A 496 -1.64 -27.67 15.38
N PHE B 21 -25.66 11.97 -26.99
CA PHE B 21 -26.40 11.93 -25.73
C PHE B 21 -27.06 10.57 -25.53
N GLU B 22 -27.03 9.74 -26.57
CA GLU B 22 -27.74 8.46 -26.52
C GLU B 22 -27.00 7.43 -25.66
N GLU B 23 -25.69 7.35 -25.79
CA GLU B 23 -24.90 6.37 -25.05
C GLU B 23 -24.52 6.92 -23.68
N TYR B 24 -24.70 6.08 -22.66
CA TYR B 24 -24.33 6.48 -21.30
C TYR B 24 -22.85 6.81 -21.22
N ARG B 25 -22.51 7.81 -20.41
CA ARG B 25 -21.13 8.20 -20.17
C ARG B 25 -20.91 8.30 -18.67
N ASN B 26 -19.72 7.91 -18.23
CA ASN B 26 -19.38 8.00 -16.81
C ASN B 26 -19.25 9.46 -16.42
N PRO B 27 -19.96 9.92 -15.39
CA PRO B 27 -19.83 11.33 -14.98
C PRO B 27 -18.45 11.72 -14.50
N LEU B 28 -17.64 10.78 -14.03
CA LEU B 28 -16.26 11.08 -13.68
C LEU B 28 -15.49 11.58 -14.91
N THR B 29 -15.63 10.88 -16.03
CA THR B 29 -14.94 11.27 -17.24
C THR B 29 -15.67 12.39 -17.98
N LYS B 30 -16.97 12.54 -17.76
CA LYS B 30 -17.75 13.48 -18.54
C LYS B 30 -17.72 14.89 -17.97
N ARG B 31 -17.57 15.05 -16.66
CA ARG B 31 -17.68 16.37 -16.07
C ARG B 31 -16.85 16.57 -14.81
N TYR B 32 -16.85 15.58 -13.91
CA TYR B 32 -16.27 15.80 -12.58
C TYR B 32 -14.77 16.02 -12.64
N ALA B 33 -14.05 15.14 -13.33
CA ALA B 33 -12.59 15.24 -13.37
C ALA B 33 -12.14 16.26 -14.40
N SER B 34 -10.99 16.89 -14.12
CA SER B 34 -10.41 17.82 -15.07
C SER B 34 -9.87 17.09 -16.29
N ARG B 35 -9.71 17.84 -17.38
CA ARG B 35 -9.34 17.22 -18.66
C ARG B 35 -7.90 16.77 -18.71
N GLU B 36 -7.05 17.27 -17.81
CA GLU B 36 -5.66 16.82 -17.77
C GLU B 36 -5.58 15.34 -17.41
N MET B 37 -6.29 14.94 -16.35
CA MET B 37 -6.33 13.53 -15.98
C MET B 37 -7.12 12.70 -16.99
N VAL B 38 -8.19 13.28 -17.54
CA VAL B 38 -9.00 12.57 -18.53
C VAL B 38 -8.16 12.18 -19.73
N CYS B 39 -7.35 13.11 -20.24
CA CYS B 39 -6.49 12.83 -21.38
C CYS B 39 -5.23 12.06 -21.00
N ASN B 40 -4.87 12.04 -19.71
CA ASN B 40 -3.68 11.31 -19.30
C ASN B 40 -3.82 9.81 -19.52
N PHE B 41 -5.06 9.29 -19.49
CA PHE B 41 -5.32 7.89 -19.72
C PHE B 41 -6.03 7.61 -21.04
N GLY B 42 -6.10 8.61 -21.92
CA GLY B 42 -6.75 8.42 -23.20
C GLY B 42 -6.00 7.45 -24.10
N GLU B 43 -6.70 6.99 -25.14
CA GLU B 43 -6.11 6.01 -26.04
C GLU B 43 -5.01 6.63 -26.91
N LYS B 44 -5.22 7.86 -27.38
CA LYS B 44 -4.22 8.51 -28.22
C LYS B 44 -2.89 8.62 -27.49
N ARG B 45 -2.92 9.11 -26.25
CA ARG B 45 -1.70 9.20 -25.45
C ARG B 45 -1.08 7.82 -25.24
N LYS B 46 -1.91 6.78 -25.16
CA LYS B 46 -1.37 5.43 -24.93
C LYS B 46 -0.48 4.98 -26.07
N VAL B 47 -0.96 5.12 -27.31
CA VAL B 47 -0.15 4.69 -28.44
C VAL B 47 0.99 5.66 -28.72
N ILE B 48 0.88 6.91 -28.28
CA ILE B 48 2.03 7.81 -28.34
C ILE B 48 3.14 7.31 -27.42
N LEU B 49 2.76 6.82 -26.24
CA LEU B 49 3.74 6.22 -25.34
C LEU B 49 4.27 4.91 -25.92
N TRP B 50 3.39 4.10 -26.54
CA TRP B 50 3.85 2.89 -27.20
C TRP B 50 4.89 3.22 -28.27
N ARG B 51 4.61 4.23 -29.09
CA ARG B 51 5.55 4.61 -30.15
C ARG B 51 6.81 5.20 -29.58
N GLN B 52 6.70 6.00 -28.51
CA GLN B 52 7.89 6.56 -27.88
C GLN B 52 8.74 5.46 -27.26
N LEU B 53 8.10 4.39 -26.76
CA LEU B 53 8.87 3.26 -26.23
C LEU B 53 9.59 2.52 -27.35
N TRP B 54 8.97 2.41 -28.52
CA TRP B 54 9.64 1.79 -29.66
C TRP B 54 10.81 2.64 -30.14
N ILE B 55 10.70 3.97 -30.01
CA ILE B 55 11.80 4.85 -30.39
C ILE B 55 12.97 4.68 -29.42
N TRP B 56 12.67 4.68 -28.12
CA TRP B 56 13.71 4.45 -27.12
C TRP B 56 14.35 3.08 -27.30
N LEU B 57 13.54 2.07 -27.63
CA LEU B 57 14.10 0.74 -27.89
C LEU B 57 15.05 0.76 -29.07
N ALA B 58 14.68 1.48 -30.14
CA ALA B 58 15.55 1.56 -31.30
C ALA B 58 16.82 2.34 -30.99
N GLU B 59 16.70 3.45 -30.25
CA GLU B 59 17.88 4.20 -29.84
C GLU B 59 18.81 3.34 -29.01
N THR B 60 18.26 2.56 -28.07
CA THR B 60 19.09 1.73 -27.20
C THR B 60 19.80 0.63 -27.99
N GLN B 61 19.06 -0.06 -28.86
CA GLN B 61 19.68 -1.14 -29.64
C GLN B 61 20.73 -0.60 -30.59
N LYS B 62 20.50 0.58 -31.16
CA LYS B 62 21.53 1.22 -31.96
C LYS B 62 22.73 1.60 -31.11
N GLU B 63 22.48 2.08 -29.89
CA GLU B 63 23.58 2.40 -28.97
C GLU B 63 24.37 1.15 -28.60
N LEU B 64 23.70 -0.01 -28.49
CA LEU B 64 24.36 -1.24 -28.11
C LEU B 64 25.01 -1.96 -29.30
N GLY B 65 24.91 -1.41 -30.51
CA GLY B 65 25.61 -1.95 -31.65
C GLY B 65 24.75 -2.52 -32.76
N PHE B 66 23.43 -2.59 -32.58
CA PHE B 66 22.59 -3.20 -33.58
C PHE B 66 22.43 -2.29 -34.79
N ASP B 67 22.33 -2.90 -35.97
CA ASP B 67 22.28 -2.18 -37.24
C ASP B 67 20.95 -1.45 -37.37
N ILE B 68 20.88 -0.28 -36.75
CA ILE B 68 19.72 0.60 -36.82
C ILE B 68 20.23 2.00 -37.18
N THR B 69 19.69 2.56 -38.26
CA THR B 69 20.16 3.81 -38.81
C THR B 69 19.49 5.00 -38.11
N ASP B 70 20.20 6.12 -38.09
CA ASP B 70 19.60 7.37 -37.63
C ASP B 70 18.42 7.77 -38.50
N GLU B 71 18.46 7.41 -39.79
CA GLU B 71 17.34 7.72 -40.68
C GLU B 71 16.08 6.98 -40.26
N GLN B 72 16.23 5.75 -39.78
CA GLN B 72 15.06 5.00 -39.30
C GLN B 72 14.52 5.60 -38.00
N ILE B 73 15.41 6.02 -37.11
CA ILE B 73 14.98 6.59 -35.84
C ILE B 73 14.36 7.96 -36.04
N ASN B 74 14.95 8.79 -36.90
CA ASN B 74 14.35 10.09 -37.21
C ASN B 74 13.01 9.93 -37.92
N GLU B 75 12.83 8.83 -38.65
CA GLU B 75 11.55 8.56 -39.28
C GLU B 75 10.48 8.26 -38.25
N MET B 76 10.83 7.55 -37.18
CA MET B 76 9.86 7.23 -36.14
C MET B 76 9.49 8.47 -35.33
N LYS B 77 10.48 9.31 -35.01
CA LYS B 77 10.20 10.54 -34.28
C LYS B 77 9.24 11.44 -35.06
N SER B 78 9.42 11.53 -36.38
CA SER B 78 8.65 12.48 -37.18
C SER B 78 7.18 12.08 -37.25
N GLN B 79 6.89 10.78 -37.32
CA GLN B 79 5.51 10.29 -37.44
C GLN B 79 4.98 9.77 -36.11
N ARG B 80 5.59 10.16 -35.00
CA ARG B 80 5.14 9.66 -33.70
C ARG B 80 3.75 10.18 -33.35
N ASP B 81 3.54 11.49 -33.46
CA ASP B 81 2.30 12.11 -33.00
C ASP B 81 1.16 12.01 -34.00
N SER B 82 1.35 11.35 -35.14
CA SER B 82 0.29 11.15 -36.12
C SER B 82 -0.17 9.70 -36.04
N VAL B 83 -1.41 9.50 -35.59
CA VAL B 83 -1.98 8.17 -35.41
C VAL B 83 -3.20 8.05 -36.33
N ASP B 84 -3.21 7.01 -37.15
CA ASP B 84 -4.33 6.70 -38.03
C ASP B 84 -5.05 5.49 -37.45
N PHE B 85 -6.08 5.74 -36.63
CA PHE B 85 -6.79 4.66 -35.98
C PHE B 85 -7.58 3.81 -36.98
N GLY B 86 -7.96 4.39 -38.12
CA GLY B 86 -8.65 3.61 -39.14
C GLY B 86 -7.84 2.41 -39.59
N THR B 87 -6.52 2.59 -39.73
CA THR B 87 -5.64 1.46 -40.01
C THR B 87 -5.48 0.57 -38.78
N ALA B 88 -5.33 1.19 -37.60
CA ALA B 88 -5.17 0.42 -36.37
C ALA B 88 -6.40 -0.41 -36.06
N ALA B 89 -7.60 0.18 -36.21
CA ALA B 89 -8.82 -0.57 -35.97
C ALA B 89 -9.01 -1.68 -37.00
N ALA B 90 -8.48 -1.50 -38.21
CA ALA B 90 -8.64 -2.52 -39.25
C ALA B 90 -7.78 -3.74 -38.96
N GLU B 91 -6.46 -3.53 -38.82
CA GLU B 91 -5.56 -4.65 -38.55
C GLU B 91 -5.82 -5.30 -37.21
N GLU B 92 -6.41 -4.57 -36.25
CA GLU B 92 -6.80 -5.18 -34.98
C GLU B 92 -7.95 -6.14 -35.17
N LYS B 93 -8.82 -5.90 -36.17
CA LYS B 93 -9.95 -6.78 -36.40
C LYS B 93 -9.50 -8.18 -36.81
N ALA B 94 -8.47 -8.27 -37.66
CA ALA B 94 -7.97 -9.58 -38.08
C ALA B 94 -7.02 -10.18 -37.05
N ARG B 95 -6.28 -9.34 -36.33
CA ARG B 95 -5.24 -9.83 -35.43
C ARG B 95 -5.79 -10.22 -34.05
N ARG B 96 -6.82 -9.53 -33.57
CA ARG B 96 -7.32 -9.65 -32.21
C ARG B 96 -6.27 -9.29 -31.16
N HIS B 97 -5.11 -8.81 -31.60
CA HIS B 97 -3.97 -8.52 -30.73
C HIS B 97 -3.57 -7.08 -31.00
N ASP B 98 -3.95 -6.17 -30.10
CA ASP B 98 -3.90 -4.74 -30.39
C ASP B 98 -2.48 -4.19 -30.43
N VAL B 99 -1.53 -4.83 -29.76
CA VAL B 99 -0.15 -4.33 -29.77
C VAL B 99 0.46 -4.49 -31.15
N MET B 100 0.35 -5.69 -31.72
CA MET B 100 0.85 -5.90 -33.09
C MET B 100 0.06 -5.08 -34.09
N ALA B 101 -1.22 -4.81 -33.81
CA ALA B 101 -2.02 -3.95 -34.68
C ALA B 101 -1.40 -2.55 -34.75
N HIS B 102 -0.90 -2.05 -33.63
CA HIS B 102 -0.21 -0.77 -33.63
C HIS B 102 1.26 -0.88 -34.02
N VAL B 103 1.82 -2.09 -33.97
CA VAL B 103 3.17 -2.30 -34.51
C VAL B 103 3.17 -2.11 -36.02
N TYR B 104 2.32 -2.88 -36.71
CA TYR B 104 2.24 -2.79 -38.16
C TYR B 104 1.50 -1.57 -38.65
N THR B 105 0.80 -0.85 -37.77
CA THR B 105 0.30 0.47 -38.14
C THR B 105 1.43 1.49 -38.17
N PHE B 106 2.35 1.40 -37.21
CA PHE B 106 3.53 2.27 -37.22
C PHE B 106 4.50 1.86 -38.31
N ALA B 107 4.54 0.57 -38.68
CA ALA B 107 5.39 0.13 -39.78
C ALA B 107 4.90 0.70 -41.11
N LEU B 108 3.58 0.83 -41.27
CA LEU B 108 3.04 1.47 -42.47
C LEU B 108 3.37 2.95 -42.49
N ALA B 109 3.30 3.61 -41.33
CA ALA B 109 3.68 5.02 -41.23
C ALA B 109 5.18 5.23 -41.22
N CYS B 110 5.97 4.16 -41.15
CA CYS B 110 7.43 4.24 -41.16
C CYS B 110 7.97 3.11 -42.02
N PRO B 111 7.94 3.25 -43.34
CA PRO B 111 8.39 2.17 -44.22
C PRO B 111 9.87 1.83 -44.05
N LYS B 112 10.69 2.80 -43.65
CA LYS B 112 12.12 2.52 -43.46
C LYS B 112 12.37 1.77 -42.16
N ALA B 113 11.80 2.25 -41.06
CA ALA B 113 12.01 1.64 -39.74
C ALA B 113 11.17 0.38 -39.53
N ALA B 114 10.38 -0.03 -40.52
CA ALA B 114 9.47 -1.17 -40.36
C ALA B 114 10.13 -2.43 -39.82
N PRO B 115 11.26 -2.91 -40.36
CA PRO B 115 11.79 -4.21 -39.90
C PRO B 115 12.38 -4.19 -38.49
N ILE B 116 12.50 -3.03 -37.85
CA ILE B 116 13.14 -2.94 -36.53
C ILE B 116 12.22 -2.38 -35.46
N ILE B 117 10.96 -2.07 -35.79
CA ILE B 117 10.02 -1.67 -34.76
C ILE B 117 9.67 -2.87 -33.89
N HIS B 118 9.65 -2.66 -32.57
CA HIS B 118 9.32 -3.70 -31.60
C HIS B 118 10.30 -4.87 -31.67
N LEU B 119 11.50 -4.62 -32.18
CA LEU B 119 12.47 -5.69 -32.42
C LEU B 119 12.86 -6.38 -31.12
N GLY B 120 12.60 -7.68 -31.05
CA GLY B 120 12.98 -8.50 -29.92
C GLY B 120 12.12 -8.34 -28.68
N ALA B 121 11.15 -7.44 -28.69
CA ALA B 121 10.35 -7.15 -27.51
C ALA B 121 9.08 -8.00 -27.48
N THR B 122 8.46 -8.05 -26.31
CA THR B 122 7.16 -8.67 -26.12
C THR B 122 6.10 -7.61 -25.88
N SER B 123 4.84 -8.04 -25.85
CA SER B 123 3.73 -7.08 -25.80
C SER B 123 3.77 -6.24 -24.53
N CYS B 124 4.20 -6.82 -23.41
CA CYS B 124 4.22 -6.08 -22.15
C CYS B 124 5.33 -5.04 -22.09
N PHE B 125 6.27 -5.04 -23.05
CA PHE B 125 7.25 -3.96 -23.09
C PHE B 125 6.58 -2.61 -23.29
N VAL B 126 5.57 -2.55 -24.16
CA VAL B 126 4.84 -1.31 -24.35
C VAL B 126 3.60 -1.26 -23.46
N GLY B 127 2.96 -2.39 -23.19
CA GLY B 127 1.73 -2.37 -22.41
C GLY B 127 1.96 -1.94 -20.97
N ASP B 128 2.91 -2.57 -20.29
CA ASP B 128 3.14 -2.29 -18.89
C ASP B 128 3.93 -1.01 -18.67
N ASN B 129 4.90 -0.73 -19.54
CA ASN B 129 5.72 0.46 -19.35
C ASN B 129 4.93 1.73 -19.62
N ALA B 130 4.04 1.71 -20.62
CA ALA B 130 3.18 2.87 -20.85
C ALA B 130 2.23 3.10 -19.70
N ASP B 131 1.73 2.02 -19.08
CA ASP B 131 0.90 2.16 -17.89
C ASP B 131 1.67 2.85 -16.77
N LEU B 132 2.90 2.41 -16.51
CA LEU B 132 3.70 3.00 -15.46
C LEU B 132 3.98 4.48 -15.72
N ILE B 133 4.12 4.86 -16.99
CA ILE B 133 4.31 6.27 -17.31
C ILE B 133 3.02 7.05 -17.09
N MET B 134 1.88 6.48 -17.49
CA MET B 134 0.60 7.14 -17.25
C MET B 134 0.31 7.23 -15.75
N LEU B 135 0.62 6.18 -15.00
CA LEU B 135 0.41 6.21 -13.56
C LEU B 135 1.32 7.23 -12.89
N LYS B 136 2.59 7.28 -13.30
CA LYS B 136 3.52 8.24 -12.72
C LYS B 136 3.14 9.67 -13.07
N ASP B 137 2.72 9.91 -14.32
CA ASP B 137 2.27 11.24 -14.70
C ASP B 137 0.97 11.61 -14.01
N GLY B 138 0.09 10.64 -13.77
CA GLY B 138 -1.14 10.92 -13.05
C GLY B 138 -0.89 11.41 -11.64
N LEU B 139 0.12 10.82 -10.96
CA LEU B 139 0.50 11.31 -9.65
C LEU B 139 1.04 12.73 -9.72
N ASN B 140 1.79 13.05 -10.78
CA ASN B 140 2.30 14.40 -10.96
C ASN B 140 1.19 15.41 -11.16
N ILE B 141 0.01 14.97 -11.62
CA ILE B 141 -1.13 15.89 -11.70
C ILE B 141 -1.79 16.04 -10.34
N LEU B 142 -1.89 14.94 -9.57
CA LEU B 142 -2.57 14.98 -8.28
C LEU B 142 -1.76 15.75 -7.25
N LEU B 143 -0.44 15.64 -7.28
CA LEU B 143 0.40 16.16 -6.20
C LEU B 143 0.23 17.66 -5.96
N PRO B 144 0.29 18.54 -6.98
CA PRO B 144 0.09 19.96 -6.68
C PRO B 144 -1.31 20.28 -6.18
N LYS B 145 -2.31 19.50 -6.57
CA LYS B 145 -3.66 19.73 -6.08
C LYS B 145 -3.77 19.40 -4.60
N VAL B 146 -3.08 18.33 -4.16
CA VAL B 146 -2.96 18.06 -2.74
C VAL B 146 -2.26 19.23 -2.04
N ALA B 147 -1.25 19.80 -2.70
CA ALA B 147 -0.53 20.92 -2.09
C ALA B 147 -1.39 22.17 -2.02
N ARG B 148 -2.20 22.43 -3.05
CA ARG B 148 -3.10 23.57 -3.01
C ARG B 148 -4.16 23.40 -1.93
N CYS B 149 -4.74 22.20 -1.83
CA CYS B 149 -5.69 21.91 -0.75
C CYS B 149 -5.04 22.14 0.61
N ILE B 150 -3.77 21.78 0.74
CA ILE B 150 -3.06 22.02 2.00
C ILE B 150 -2.86 23.51 2.23
N ASP B 151 -2.40 24.23 1.21
CA ASP B 151 -2.09 25.65 1.38
C ASP B 151 -3.35 26.48 1.61
N ARG B 152 -4.46 26.11 0.95
CA ARG B 152 -5.70 26.87 1.12
C ARG B 152 -6.24 26.74 2.54
N LEU B 153 -6.28 25.52 3.07
CA LEU B 153 -6.69 25.33 4.45
C LEU B 153 -5.68 25.94 5.42
N ALA B 154 -4.40 25.98 5.05
CA ALA B 154 -3.40 26.61 5.90
C ALA B 154 -3.69 28.09 6.10
N LYS B 155 -4.19 28.76 5.04
CA LYS B 155 -4.51 30.18 5.15
C LYS B 155 -5.75 30.41 6.00
N LYS B 156 -6.75 29.53 5.87
CA LYS B 156 -7.95 29.64 6.71
C LYS B 156 -7.60 29.37 8.17
N ALA B 157 -6.72 28.41 8.42
CA ALA B 157 -6.37 28.07 9.79
C ALA B 157 -5.67 29.23 10.49
N MET B 158 -4.75 29.91 9.81
CA MET B 158 -4.10 31.07 10.40
C MET B 158 -5.08 32.23 10.53
N LEU B 159 -5.95 32.41 9.53
CA LEU B 159 -6.94 33.49 9.58
C LEU B 159 -7.88 33.32 10.76
N HIS B 160 -8.19 32.08 11.15
CA HIS B 160 -9.13 31.80 12.22
C HIS B 160 -8.48 31.03 13.37
N LYS B 161 -7.18 31.25 13.59
CA LYS B 161 -6.47 30.55 14.65
C LYS B 161 -6.96 30.93 16.04
N SER B 162 -7.58 32.10 16.19
CA SER B 162 -8.09 32.56 17.47
C SER B 162 -9.62 32.63 17.50
N LEU B 163 -10.28 32.23 16.43
CA LEU B 163 -11.74 32.25 16.37
C LEU B 163 -12.28 31.16 17.27
N ILE B 164 -12.65 31.54 18.51
CA ILE B 164 -13.14 30.57 19.47
C ILE B 164 -14.44 29.95 18.97
N CYS B 165 -14.58 28.64 19.17
CA CYS B 165 -15.78 27.93 18.75
C CYS B 165 -15.96 26.71 19.64
N LEU B 166 -17.05 25.99 19.43
CA LEU B 166 -17.40 24.84 20.24
C LEU B 166 -16.83 23.57 19.59
N ALA B 167 -16.07 22.81 20.38
CA ALA B 167 -15.61 21.50 19.96
C ALA B 167 -16.67 20.46 20.31
N ARG B 168 -16.78 19.43 19.47
CA ARG B 168 -17.83 18.43 19.62
C ARG B 168 -17.21 17.04 19.64
N THR B 169 -17.44 16.32 20.74
CA THR B 169 -17.18 14.89 20.83
C THR B 169 -18.52 14.17 20.96
N HIS B 170 -18.67 13.06 20.23
CA HIS B 170 -19.95 12.38 20.03
C HIS B 170 -20.97 13.28 19.37
N LEU B 171 -20.51 14.34 18.69
CA LEU B 171 -21.36 15.39 18.12
C LEU B 171 -22.16 16.12 19.20
N GLN B 172 -21.65 16.14 20.43
CA GLN B 172 -22.24 16.92 21.51
C GLN B 172 -21.22 17.92 22.03
N PRO B 173 -21.67 19.05 22.59
CA PRO B 173 -20.74 20.11 22.99
C PRO B 173 -19.69 19.62 23.97
N ALA B 174 -18.43 19.91 23.66
CA ALA B 174 -17.29 19.64 24.51
C ALA B 174 -16.56 20.95 24.81
N GLN B 175 -15.42 20.85 25.46
CA GLN B 175 -14.68 22.03 25.87
C GLN B 175 -14.26 22.85 24.64
N PRO B 176 -14.17 24.17 24.79
CA PRO B 176 -13.98 25.04 23.61
C PRO B 176 -12.64 24.81 22.91
N THR B 177 -12.61 25.23 21.65
CA THR B 177 -11.41 25.25 20.84
C THR B 177 -11.52 26.41 19.86
N THR B 178 -10.58 26.50 18.93
CA THR B 178 -10.63 27.52 17.88
C THR B 178 -10.84 26.86 16.53
N MET B 179 -11.44 27.61 15.61
CA MET B 179 -11.74 27.07 14.29
C MET B 179 -10.46 26.71 13.53
N GLY B 180 -9.42 27.54 13.68
CA GLY B 180 -8.15 27.23 13.04
C GLY B 180 -7.48 26.00 13.60
N ARG B 181 -7.64 25.76 14.91
CA ARG B 181 -7.10 24.55 15.52
C ARG B 181 -7.80 23.31 14.97
N ARG B 182 -9.07 23.43 14.60
CA ARG B 182 -9.78 22.33 13.98
C ARG B 182 -9.39 22.15 12.52
N ILE B 183 -9.13 23.26 11.81
CA ILE B 183 -8.74 23.18 10.41
C ILE B 183 -7.39 22.46 10.27
N CYS B 184 -6.47 22.72 11.20
CA CYS B 184 -5.19 22.02 11.18
C CYS B 184 -5.36 20.52 11.40
N MET B 185 -6.41 20.13 12.13
CA MET B 185 -6.71 18.71 12.28
C MET B 185 -7.01 18.07 10.93
N TRP B 186 -7.69 18.81 10.05
CA TRP B 186 -7.89 18.33 8.67
C TRP B 186 -6.57 18.30 7.91
N ILE B 187 -5.73 19.33 8.09
CA ILE B 187 -4.50 19.44 7.32
C ILE B 187 -3.55 18.30 7.66
N GLN B 188 -3.55 17.86 8.92
CA GLN B 188 -2.68 16.76 9.31
C GLN B 188 -2.94 15.51 8.47
N ASP B 189 -4.21 15.29 8.11
CA ASP B 189 -4.54 14.17 7.23
C ASP B 189 -3.95 14.38 5.84
N LEU B 190 -4.10 15.59 5.29
CA LEU B 190 -3.59 15.86 3.94
C LEU B 190 -2.07 15.80 3.88
N LEU B 191 -1.39 16.07 4.99
CA LEU B 191 0.07 15.97 5.00
C LEU B 191 0.52 14.52 4.89
N LEU B 192 -0.15 13.60 5.60
CA LEU B 192 0.15 12.18 5.46
C LEU B 192 -0.18 11.70 4.04
N ASP B 193 -1.23 12.25 3.44
CA ASP B 193 -1.56 11.89 2.06
C ASP B 193 -0.49 12.36 1.09
N LEU B 194 0.09 13.52 1.34
CA LEU B 194 1.07 14.08 0.41
C LEU B 194 2.31 13.19 0.31
N GLU B 195 2.90 12.85 1.47
CA GLU B 195 4.12 12.05 1.46
C GLU B 195 3.88 10.63 0.97
N ASN B 196 2.65 10.12 1.09
CA ASN B 196 2.35 8.81 0.50
C ASN B 196 2.43 8.85 -1.02
N LEU B 197 1.81 9.88 -1.63
CA LEU B 197 1.86 10.01 -3.08
C LEU B 197 3.28 10.27 -3.56
N GLU B 198 4.04 11.06 -2.81
CA GLU B 198 5.43 11.33 -3.19
C GLU B 198 6.28 10.06 -3.08
N ARG B 199 6.05 9.25 -2.05
CA ARG B 199 6.75 7.98 -1.94
C ARG B 199 6.38 7.05 -3.08
N LEU B 200 5.11 7.11 -3.52
CA LEU B 200 4.69 6.32 -4.68
C LEU B 200 5.44 6.74 -5.94
N LYS B 201 5.52 8.05 -6.18
CA LYS B 201 6.08 8.54 -7.44
C LYS B 201 7.60 8.41 -7.45
N ASN B 202 8.25 8.64 -6.31
CA ASN B 202 9.71 8.70 -6.25
C ASN B 202 10.36 7.39 -5.83
N HIS B 203 9.60 6.41 -5.35
CA HIS B 203 10.22 5.22 -4.79
C HIS B 203 9.52 3.93 -5.18
N THR B 204 8.21 3.83 -4.92
CA THR B 204 7.52 2.56 -5.07
C THR B 204 7.44 2.12 -6.52
N ILE B 205 7.13 3.04 -7.43
CA ILE B 205 6.94 2.69 -8.84
C ILE B 205 8.30 2.55 -9.50
N ARG B 206 8.61 1.34 -9.95
CA ARG B 206 9.81 1.05 -10.72
C ARG B 206 9.42 0.77 -12.18
N PHE B 207 10.40 0.89 -13.06
CA PHE B 207 10.16 0.59 -14.47
C PHE B 207 10.07 -0.92 -14.68
N ARG B 208 9.30 -1.33 -15.69
CA ARG B 208 9.31 -2.74 -16.04
C ARG B 208 10.52 -3.07 -16.91
N GLY B 209 10.74 -2.28 -17.96
CA GLY B 209 11.89 -2.50 -18.81
C GLY B 209 11.62 -3.55 -19.87
N ALA B 210 12.70 -4.18 -20.32
CA ALA B 210 12.67 -5.21 -21.38
C ALA B 210 13.00 -6.56 -20.73
N LYS B 211 11.96 -7.26 -20.30
CA LYS B 211 12.13 -8.49 -19.55
C LYS B 211 11.71 -9.75 -20.31
N GLY B 212 10.97 -9.61 -21.40
CA GLY B 212 10.57 -10.78 -22.16
C GLY B 212 9.25 -11.36 -21.71
N ALA B 213 8.95 -12.54 -22.26
CA ALA B 213 7.64 -13.14 -22.06
C ALA B 213 7.43 -13.62 -20.63
N VAL B 214 8.47 -14.11 -19.97
CA VAL B 214 8.32 -14.62 -18.60
C VAL B 214 9.35 -13.98 -17.68
N GLY B 215 9.93 -12.86 -18.12
CA GLY B 215 10.83 -12.10 -17.28
C GLY B 215 12.29 -12.50 -17.33
N THR B 216 12.66 -13.47 -18.17
CA THR B 216 14.02 -14.00 -18.22
C THR B 216 14.86 -13.39 -19.34
N GLN B 217 14.30 -12.47 -20.12
CA GLN B 217 15.04 -11.78 -21.18
C GLN B 217 15.64 -12.74 -22.19
N ALA B 218 14.99 -13.90 -22.37
CA ALA B 218 15.52 -14.93 -23.26
C ALA B 218 15.54 -14.47 -24.71
N SER B 219 14.55 -13.68 -25.12
CA SER B 219 14.50 -13.22 -26.51
C SER B 219 15.61 -12.21 -26.79
N PHE B 220 15.85 -11.29 -25.85
CA PHE B 220 16.92 -10.31 -26.06
C PHE B 220 18.30 -10.93 -25.92
N MET B 221 18.43 -11.96 -25.07
CA MET B 221 19.67 -12.72 -25.04
C MET B 221 19.95 -13.35 -26.41
N ASP B 222 18.92 -13.86 -27.07
CA ASP B 222 19.09 -14.42 -28.40
C ASP B 222 19.42 -13.33 -29.42
N LEU B 223 18.74 -12.18 -29.33
CA LEU B 223 19.01 -11.09 -30.26
C LEU B 223 20.44 -10.57 -30.12
N PHE B 224 21.02 -10.67 -28.93
CA PHE B 224 22.38 -10.21 -28.69
C PHE B 224 23.38 -11.35 -28.65
N GLN B 225 23.03 -12.50 -29.23
CA GLN B 225 23.93 -13.66 -29.32
C GLN B 225 24.45 -14.09 -27.94
N GLY B 226 23.62 -13.92 -26.92
CA GLY B 226 23.96 -14.40 -25.58
C GLY B 226 24.85 -13.48 -24.78
N ASP B 227 25.02 -12.23 -25.17
CA ASP B 227 25.85 -11.28 -24.44
C ASP B 227 25.07 -10.79 -23.23
N HIS B 228 25.40 -11.32 -22.05
CA HIS B 228 24.70 -10.93 -20.82
C HIS B 228 24.82 -9.43 -20.56
N GLN B 229 26.01 -8.87 -20.79
CA GLN B 229 26.21 -7.46 -20.46
C GLN B 229 25.44 -6.53 -21.40
N LYS B 230 25.23 -6.94 -22.65
CA LYS B 230 24.40 -6.15 -23.55
C LYS B 230 22.95 -6.10 -23.07
N VAL B 231 22.41 -7.26 -22.69
CA VAL B 231 21.02 -7.31 -22.23
C VAL B 231 20.87 -6.51 -20.94
N ILE B 232 21.85 -6.57 -20.05
CA ILE B 232 21.83 -5.74 -18.84
C ILE B 232 21.81 -4.27 -19.21
N LYS B 233 22.72 -3.86 -20.10
CA LYS B 233 22.77 -2.46 -20.51
C LYS B 233 21.47 -2.03 -21.19
N LEU B 234 20.85 -2.95 -21.95
CA LEU B 234 19.57 -2.63 -22.60
C LEU B 234 18.53 -2.19 -21.58
N ASP B 235 18.45 -2.90 -20.46
CA ASP B 235 17.44 -2.57 -19.46
C ASP B 235 17.80 -1.29 -18.70
N GLU B 236 19.10 -1.08 -18.46
CA GLU B 236 19.52 0.11 -17.72
C GLU B 236 19.35 1.37 -18.57
N ILE B 237 19.68 1.28 -19.86
CA ILE B 237 19.54 2.44 -20.74
C ILE B 237 18.06 2.80 -20.92
N LEU B 238 17.21 1.79 -21.12
CA LEU B 238 15.79 2.04 -21.30
C LEU B 238 15.18 2.64 -20.04
N THR B 239 15.59 2.16 -18.87
CA THR B 239 15.09 2.71 -17.62
C THR B 239 15.42 4.19 -17.51
N LYS B 240 16.61 4.59 -17.94
CA LYS B 240 17.03 5.98 -17.85
C LYS B 240 16.37 6.84 -18.93
N LYS B 241 16.27 6.32 -20.15
CA LYS B 241 15.58 7.06 -21.22
C LYS B 241 14.13 7.35 -20.87
N SER B 242 13.50 6.50 -20.06
CA SER B 242 12.11 6.67 -19.70
C SER B 242 11.89 7.55 -18.48
N GLY B 243 12.95 8.01 -17.83
CA GLY B 243 12.83 8.87 -16.67
C GLY B 243 12.70 8.16 -15.34
N PHE B 244 12.93 6.85 -15.29
CA PHE B 244 12.88 6.09 -14.05
C PHE B 244 14.29 5.89 -13.51
N GLN B 245 14.36 5.48 -12.24
CA GLN B 245 15.64 5.31 -11.56
C GLN B 245 16.04 3.85 -11.41
N ARG B 246 15.12 2.91 -11.57
CA ARG B 246 15.42 1.50 -11.43
C ARG B 246 14.27 0.71 -12.04
N SER B 247 14.51 -0.59 -12.22
CA SER B 247 13.51 -1.51 -12.73
C SER B 247 13.49 -2.75 -11.85
N TRP B 248 12.34 -3.43 -11.83
CA TRP B 248 12.25 -4.73 -11.18
C TRP B 248 13.17 -5.71 -11.89
N CYS B 249 13.58 -6.75 -11.17
CA CYS B 249 14.57 -7.67 -11.69
C CYS B 249 14.18 -9.14 -11.66
N VAL B 250 13.11 -9.50 -10.97
CA VAL B 250 12.66 -10.89 -10.94
C VAL B 250 11.15 -10.95 -11.17
N THR B 251 10.69 -10.25 -12.21
CA THR B 251 9.28 -10.25 -12.54
C THR B 251 8.87 -11.59 -13.17
N GLY B 252 7.57 -11.77 -13.31
CA GLY B 252 7.06 -12.71 -14.29
C GLY B 252 6.95 -12.00 -15.62
N GLN B 253 5.76 -12.00 -16.21
CA GLN B 253 5.56 -11.28 -17.45
C GLN B 253 5.36 -9.79 -17.23
N THR B 254 4.79 -9.40 -16.09
CA THR B 254 4.44 -8.02 -15.80
C THR B 254 5.21 -7.51 -14.60
N TYR B 255 5.12 -6.21 -14.35
CA TYR B 255 5.58 -5.69 -13.08
C TYR B 255 4.68 -6.21 -11.96
N PRO B 256 5.20 -6.38 -10.75
CA PRO B 256 4.39 -6.92 -9.66
C PRO B 256 3.14 -6.09 -9.44
N ARG B 257 1.97 -6.74 -9.54
CA ARG B 257 0.71 -6.03 -9.42
C ARG B 257 0.46 -5.50 -8.00
N LYS B 258 1.29 -5.87 -7.03
CA LYS B 258 1.21 -5.23 -5.71
C LYS B 258 1.36 -3.72 -5.81
N VAL B 259 2.10 -3.26 -6.83
CA VAL B 259 2.22 -1.82 -7.06
C VAL B 259 0.85 -1.21 -7.31
N ASP B 260 -0.03 -1.94 -7.99
CA ASP B 260 -1.39 -1.46 -8.21
C ASP B 260 -2.18 -1.37 -6.92
N ILE B 261 -1.94 -2.29 -5.98
CA ILE B 261 -2.51 -2.16 -4.65
C ILE B 261 -1.99 -0.92 -3.96
N GLU B 262 -0.67 -0.74 -3.97
CA GLU B 262 -0.05 0.43 -3.34
C GLU B 262 -0.63 1.72 -3.88
N ILE B 263 -0.80 1.81 -5.21
CA ILE B 263 -1.31 3.02 -5.82
C ILE B 263 -2.75 3.28 -5.39
N THR B 264 -3.62 2.28 -5.56
CA THR B 264 -5.02 2.48 -5.24
C THR B 264 -5.26 2.60 -3.73
N ASN B 265 -4.41 1.98 -2.92
CA ASN B 265 -4.52 2.16 -1.47
C ASN B 265 -4.31 3.61 -1.07
N ALA B 266 -3.30 4.27 -1.64
CA ALA B 266 -3.05 5.66 -1.32
C ALA B 266 -4.14 6.57 -1.87
N LEU B 267 -4.65 6.26 -3.06
CA LEU B 267 -5.74 7.04 -3.62
C LEU B 267 -7.01 6.89 -2.79
N SER B 268 -7.31 5.66 -2.35
CA SER B 268 -8.43 5.44 -1.45
C SER B 268 -8.26 6.20 -0.14
N ASN B 269 -7.01 6.37 0.30
CA ASN B 269 -6.75 7.16 1.50
C ASN B 269 -7.13 8.62 1.30
N ILE B 270 -6.96 9.14 0.08
CA ILE B 270 -7.39 10.50 -0.22
C ILE B 270 -8.89 10.63 -0.04
N GLY B 271 -9.65 9.64 -0.50
CA GLY B 271 -11.10 9.70 -0.37
C GLY B 271 -11.56 9.71 1.08
N ALA B 272 -10.98 8.85 1.91
CA ALA B 272 -11.33 8.83 3.32
C ALA B 272 -11.04 10.17 3.97
N THR B 273 -9.92 10.80 3.61
CA THR B 273 -9.59 12.12 4.17
C THR B 273 -10.58 13.17 3.70
N VAL B 274 -10.86 13.20 2.39
CA VAL B 274 -11.81 14.18 1.85
C VAL B 274 -13.20 13.95 2.43
N HIS B 275 -13.60 12.70 2.60
CA HIS B 275 -14.93 12.40 3.10
C HIS B 275 -15.13 12.93 4.51
N LYS B 276 -14.14 12.72 5.39
CA LYS B 276 -14.26 13.23 6.75
C LYS B 276 -14.27 14.75 6.78
N ILE B 277 -13.37 15.37 6.00
CA ILE B 277 -13.31 16.84 5.98
C ILE B 277 -14.63 17.42 5.51
N CYS B 278 -15.17 16.90 4.41
CA CYS B 278 -16.41 17.43 3.87
C CYS B 278 -17.61 17.03 4.71
N THR B 279 -17.54 15.89 5.42
CA THR B 279 -18.58 15.58 6.38
C THR B 279 -18.56 16.55 7.55
N ASP B 280 -17.35 16.91 8.01
CA ASP B 280 -17.24 17.91 9.08
C ASP B 280 -17.83 19.25 8.64
N ILE B 281 -17.67 19.60 7.37
CA ILE B 281 -18.22 20.85 6.86
C ILE B 281 -19.74 20.75 6.79
N ARG B 282 -20.26 19.61 6.36
CA ARG B 282 -21.71 19.42 6.34
C ARG B 282 -22.29 19.47 7.75
N LEU B 283 -21.58 18.89 8.73
CA LEU B 283 -22.04 18.94 10.12
C LEU B 283 -22.06 20.37 10.64
N LEU B 284 -20.97 21.10 10.43
CA LEU B 284 -20.90 22.49 10.92
C LEU B 284 -21.88 23.38 10.18
N SER B 285 -22.27 23.02 8.96
CA SER B 285 -23.23 23.83 8.21
C SER B 285 -24.63 23.71 8.80
N SER B 286 -24.99 22.54 9.35
CA SER B 286 -26.28 22.40 10.02
C SER B 286 -26.36 23.26 11.27
N PHE B 287 -25.23 23.68 11.82
CA PHE B 287 -25.19 24.62 12.93
C PHE B 287 -25.02 26.07 12.46
N HIS B 288 -25.00 26.29 11.14
CA HIS B 288 -24.88 27.63 10.55
C HIS B 288 -23.57 28.33 10.93
N GLU B 289 -22.55 27.57 11.30
CA GLU B 289 -21.26 28.15 11.65
C GLU B 289 -20.36 28.34 10.44
N VAL B 290 -20.36 27.41 9.50
CA VAL B 290 -19.59 27.52 8.28
C VAL B 290 -20.53 27.38 7.09
N GLU B 291 -20.05 27.82 5.93
CA GLU B 291 -20.82 27.72 4.70
C GLU B 291 -19.86 27.59 3.53
N GLU B 292 -20.12 26.62 2.65
CA GLU B 292 -19.30 26.45 1.47
C GLU B 292 -19.62 27.55 0.46
N PRO B 293 -18.67 27.88 -0.42
CA PRO B 293 -18.91 28.97 -1.38
C PRO B 293 -20.00 28.61 -2.39
N PHE B 294 -20.58 29.67 -2.95
CA PHE B 294 -21.61 29.54 -3.96
C PHE B 294 -21.47 30.69 -4.95
N GLU B 295 -22.36 30.73 -5.93
CA GLU B 295 -22.31 31.77 -6.97
C GLU B 295 -22.82 33.09 -6.43
N LYS B 307 -30.09 30.25 4.28
CA LYS B 307 -29.44 28.95 4.20
C LYS B 307 -29.52 28.39 2.78
N ARG B 308 -28.59 27.48 2.46
CA ARG B 308 -28.54 26.87 1.15
C ARG B 308 -27.91 25.49 1.28
N ASN B 309 -27.81 24.79 0.15
CA ASN B 309 -27.38 23.39 0.17
C ASN B 309 -25.87 23.29 -0.01
N PRO B 310 -25.18 22.54 0.85
CA PRO B 310 -23.76 22.26 0.62
C PRO B 310 -23.57 21.23 -0.50
N ILE B 311 -23.94 21.61 -1.73
CA ILE B 311 -23.95 20.67 -2.83
C ILE B 311 -22.54 20.16 -3.13
N ARG B 312 -21.55 21.04 -3.06
CA ARG B 312 -20.19 20.66 -3.42
C ARG B 312 -19.58 19.73 -2.38
N SER B 313 -19.81 20.01 -1.10
CA SER B 313 -19.31 19.12 -0.05
C SER B 313 -20.01 17.77 -0.10
N GLU B 314 -21.25 17.73 -0.57
CA GLU B 314 -21.95 16.46 -0.70
C GLU B 314 -21.46 15.65 -1.89
N ARG B 315 -21.23 16.32 -3.03
CA ARG B 315 -20.63 15.63 -4.17
C ARG B 315 -19.23 15.13 -3.82
N ALA B 316 -18.48 15.94 -3.06
CA ALA B 316 -17.14 15.52 -2.65
C ALA B 316 -17.20 14.26 -1.79
N CYS B 317 -18.16 14.18 -0.88
CA CYS B 317 -18.34 12.96 -0.09
C CYS B 317 -18.77 11.79 -0.97
N SER B 318 -19.62 12.06 -1.96
CA SER B 318 -20.10 10.99 -2.84
C SER B 318 -18.94 10.42 -3.67
N LEU B 319 -18.14 11.29 -4.28
CA LEU B 319 -17.02 10.82 -5.08
C LEU B 319 -15.92 10.21 -4.21
N ALA B 320 -15.73 10.76 -3.00
CA ALA B 320 -14.73 10.20 -2.10
C ALA B 320 -15.12 8.81 -1.61
N ARG B 321 -16.41 8.51 -1.57
CA ARG B 321 -16.84 7.17 -1.15
C ARG B 321 -16.54 6.14 -2.23
N TYR B 322 -16.82 6.49 -3.50
CA TYR B 322 -16.49 5.58 -4.60
C TYR B 322 -14.98 5.36 -4.68
N LEU B 323 -14.19 6.41 -4.46
CA LEU B 323 -12.74 6.28 -4.42
C LEU B 323 -12.29 5.45 -3.22
N MET B 324 -13.02 5.54 -2.10
CA MET B 324 -12.63 4.84 -0.88
C MET B 324 -12.55 3.33 -1.09
N HIS B 325 -13.49 2.77 -1.85
CA HIS B 325 -13.62 1.33 -1.97
C HIS B 325 -13.05 0.75 -3.26
N ILE B 326 -12.47 1.58 -4.14
CA ILE B 326 -12.09 1.09 -5.45
C ILE B 326 -10.88 0.17 -5.40
N SER B 327 -10.08 0.22 -4.33
CA SER B 327 -8.89 -0.62 -4.26
C SER B 327 -9.20 -2.07 -3.92
N THR B 328 -10.42 -2.38 -3.48
CA THR B 328 -10.73 -3.74 -3.04
C THR B 328 -10.70 -4.76 -4.18
N SER B 329 -10.81 -4.31 -5.43
CA SER B 329 -10.69 -5.23 -6.55
C SER B 329 -9.24 -5.42 -6.98
N MET B 330 -8.35 -4.48 -6.63
CA MET B 330 -6.93 -4.66 -6.92
C MET B 330 -6.30 -5.69 -5.98
N VAL B 331 -6.67 -5.67 -4.70
CA VAL B 331 -6.14 -6.67 -3.78
C VAL B 331 -6.61 -8.06 -4.16
N SER B 332 -7.86 -8.18 -4.65
CA SER B 332 -8.34 -9.46 -5.13
C SER B 332 -7.63 -9.89 -6.41
N THR B 333 -7.40 -8.94 -7.32
CA THR B 333 -6.70 -9.24 -8.57
C THR B 333 -5.31 -9.80 -8.31
N VAL B 334 -4.55 -9.15 -7.42
CA VAL B 334 -3.20 -9.59 -7.12
C VAL B 334 -3.22 -11.00 -6.54
N SER B 335 -4.20 -11.29 -5.69
CA SER B 335 -4.22 -12.56 -4.96
C SER B 335 -4.38 -13.76 -5.87
N VAL B 336 -4.87 -13.58 -7.10
CA VAL B 336 -5.14 -14.73 -7.96
C VAL B 336 -4.40 -14.58 -9.29
N GLN B 337 -3.28 -13.87 -9.28
CA GLN B 337 -2.39 -13.87 -10.43
C GLN B 337 -1.66 -15.21 -10.50
N TRP B 338 -1.95 -15.99 -11.54
CA TRP B 338 -1.46 -17.37 -11.63
C TRP B 338 -0.05 -17.38 -12.20
N LEU B 339 0.92 -17.76 -11.35
CA LEU B 339 2.29 -18.10 -11.76
C LEU B 339 2.88 -16.92 -12.54
N GLU B 340 3.44 -17.14 -13.73
CA GLU B 340 4.12 -16.05 -14.44
C GLU B 340 3.14 -14.98 -14.92
N ARG B 341 1.92 -15.37 -15.27
CA ARG B 341 0.83 -14.42 -15.51
C ARG B 341 -0.49 -15.14 -15.81
N SER B 342 -1.60 -14.51 -15.43
CA SER B 342 -2.91 -14.77 -15.99
C SER B 342 -3.49 -13.44 -16.46
N LEU B 343 -4.28 -13.50 -17.53
CA LEU B 343 -4.76 -12.27 -18.15
C LEU B 343 -5.99 -11.69 -17.48
N ASP B 344 -6.47 -12.26 -16.37
CA ASP B 344 -7.64 -11.70 -15.69
C ASP B 344 -7.33 -10.42 -14.92
N ASP B 345 -6.16 -9.82 -15.13
CA ASP B 345 -5.86 -8.50 -14.58
C ASP B 345 -6.05 -7.38 -15.60
N SER B 346 -6.07 -7.71 -16.89
CA SER B 346 -5.98 -6.68 -17.92
C SER B 346 -7.24 -5.82 -17.99
N ALA B 347 -8.41 -6.46 -18.08
CA ALA B 347 -9.63 -5.69 -18.25
C ALA B 347 -9.95 -4.84 -17.02
N ILE B 348 -9.72 -5.39 -15.82
CA ILE B 348 -10.10 -4.66 -14.62
C ILE B 348 -9.11 -3.52 -14.33
N ARG B 349 -7.84 -3.67 -14.72
CA ARG B 349 -6.90 -2.58 -14.54
C ARG B 349 -7.21 -1.40 -15.48
N ARG B 350 -7.79 -1.69 -16.65
CA ARG B 350 -8.22 -0.62 -17.54
C ARG B 350 -9.35 0.21 -16.96
N ILE B 351 -10.11 -0.33 -16.01
CA ILE B 351 -11.23 0.38 -15.43
C ILE B 351 -10.80 1.02 -14.11
N VAL B 352 -10.26 0.20 -13.21
CA VAL B 352 -10.02 0.65 -11.84
C VAL B 352 -8.96 1.74 -11.80
N LEU B 353 -7.81 1.49 -12.41
CA LEU B 353 -6.69 2.44 -12.30
C LEU B 353 -7.03 3.83 -12.83
N PRO B 354 -7.59 4.00 -14.03
CA PRO B 354 -7.95 5.36 -14.45
C PRO B 354 -9.06 5.98 -13.61
N GLU B 355 -10.09 5.20 -13.25
CA GLU B 355 -11.18 5.74 -12.45
C GLU B 355 -10.71 6.18 -11.07
N ALA B 356 -9.74 5.47 -10.49
CA ALA B 356 -9.20 5.87 -9.20
C ALA B 356 -8.55 7.25 -9.28
N PHE B 357 -7.73 7.48 -10.32
CA PHE B 357 -7.12 8.79 -10.50
C PHE B 357 -8.16 9.85 -10.82
N LEU B 358 -9.15 9.50 -11.64
CA LEU B 358 -10.21 10.45 -11.96
C LEU B 358 -11.04 10.80 -10.73
N ALA B 359 -11.28 9.83 -9.86
CA ALA B 359 -12.03 10.10 -8.64
C ALA B 359 -11.23 10.99 -7.69
N ALA B 360 -9.96 10.66 -7.49
CA ALA B 360 -9.11 11.49 -6.63
C ALA B 360 -8.96 12.90 -7.20
N ASP B 361 -8.85 13.00 -8.52
CA ASP B 361 -8.70 14.31 -9.15
C ASP B 361 -9.95 15.18 -8.94
N ALA B 362 -11.13 14.59 -9.08
CA ALA B 362 -12.36 15.35 -8.90
C ALA B 362 -12.54 15.76 -7.44
N CYS B 363 -12.15 14.90 -6.50
CA CYS B 363 -12.28 15.21 -5.09
C CYS B 363 -11.35 16.36 -4.69
N LEU B 364 -10.12 16.35 -5.21
CA LEU B 364 -9.17 17.42 -4.87
C LEU B 364 -9.59 18.74 -5.50
N THR B 365 -10.19 18.69 -6.69
CA THR B 365 -10.70 19.92 -7.31
C THR B 365 -11.83 20.52 -6.48
N LEU B 366 -12.72 19.67 -5.95
CA LEU B 366 -13.81 20.16 -5.12
C LEU B 366 -13.30 20.64 -3.76
N LEU B 367 -12.37 19.88 -3.16
CA LEU B 367 -11.88 20.25 -1.83
C LEU B 367 -11.14 21.58 -1.86
N GLN B 368 -10.39 21.84 -2.94
CA GLN B 368 -9.68 23.11 -3.04
C GLN B 368 -10.66 24.28 -3.18
N ASN B 369 -11.67 24.12 -4.05
CA ASN B 369 -12.66 25.17 -4.25
C ASN B 369 -13.41 25.47 -2.96
N ILE B 370 -13.75 24.42 -2.20
CA ILE B 370 -14.43 24.63 -0.91
C ILE B 370 -13.50 25.31 0.08
N ALA B 371 -12.22 24.93 0.07
CA ALA B 371 -11.27 25.53 1.01
C ALA B 371 -11.02 27.01 0.70
N GLU B 372 -11.01 27.36 -0.59
CA GLU B 372 -10.77 28.75 -0.97
C GLU B 372 -11.91 29.67 -0.55
N GLY B 373 -13.15 29.17 -0.58
CA GLY B 373 -14.29 30.00 -0.29
C GLY B 373 -15.01 29.66 1.00
N LEU B 374 -14.32 28.98 1.91
CA LEU B 374 -14.91 28.59 3.19
C LEU B 374 -15.30 29.82 4.00
N ILE B 375 -16.59 30.03 4.19
CA ILE B 375 -17.12 31.19 4.90
C ILE B 375 -17.38 30.79 6.34
N VAL B 376 -16.96 31.64 7.28
CA VAL B 376 -17.21 31.43 8.70
C VAL B 376 -18.15 32.52 9.20
N TYR B 377 -18.85 32.21 10.28
CA TYR B 377 -19.79 33.14 10.92
C TYR B 377 -19.46 33.21 12.40
N PRO B 378 -18.63 34.16 12.82
CA PRO B 378 -18.22 34.22 14.23
C PRO B 378 -19.36 34.49 15.20
N MET B 379 -20.41 35.20 14.76
CA MET B 379 -21.53 35.46 15.67
C MET B 379 -22.32 34.19 15.93
N VAL B 380 -22.58 33.40 14.88
CA VAL B 380 -23.30 32.13 15.07
C VAL B 380 -22.49 31.18 15.91
N MET B 381 -21.16 31.15 15.71
CA MET B 381 -20.30 30.31 16.54
C MET B 381 -20.34 30.75 17.99
N GLU B 382 -20.30 32.06 18.24
CA GLU B 382 -20.27 32.57 19.61
C GLU B 382 -21.55 32.22 20.36
N ALA B 383 -22.70 32.36 19.71
CA ALA B 383 -23.97 32.09 20.38
C ALA B 383 -24.10 30.61 20.73
N ASN B 384 -23.57 29.72 19.90
CA ASN B 384 -23.66 28.30 20.19
C ASN B 384 -22.87 27.93 21.44
N LEU B 385 -21.65 28.45 21.55
CA LEU B 385 -20.84 28.21 22.76
C LEU B 385 -21.50 28.83 23.99
N ASN B 386 -22.32 29.87 23.79
CA ASN B 386 -23.00 30.49 24.92
C ASN B 386 -24.15 29.61 25.42
N SER B 387 -24.99 29.13 24.49
CA SER B 387 -26.14 28.32 24.86
C SER B 387 -25.77 26.90 25.27
N GLU B 388 -24.51 26.50 25.11
CA GLU B 388 -24.05 25.17 25.52
C GLU B 388 -23.02 25.22 26.64
N LEU B 389 -22.61 26.42 27.06
CA LEU B 389 -21.59 26.52 28.11
C LEU B 389 -22.02 25.97 29.47
N PRO B 390 -23.28 26.07 29.92
CA PRO B 390 -23.64 25.46 31.21
C PRO B 390 -23.25 24.00 31.35
N PHE B 391 -23.33 23.21 30.29
CA PHE B 391 -22.95 21.81 30.34
C PHE B 391 -21.44 21.60 30.21
N LEU B 392 -20.64 22.60 30.53
CA LEU B 392 -19.18 22.52 30.41
C LEU B 392 -18.41 23.16 31.54
N VAL B 393 -18.99 24.10 32.30
CA VAL B 393 -18.28 24.77 33.38
C VAL B 393 -18.50 24.10 34.73
N VAL B 394 -19.35 23.09 34.81
CA VAL B 394 -19.73 22.50 36.09
C VAL B 394 -18.52 21.93 36.81
N GLU B 395 -17.48 21.52 36.08
CA GLU B 395 -16.32 20.89 36.71
C GLU B 395 -15.40 21.92 37.35
N ARG B 396 -15.18 23.06 36.68
CA ARG B 396 -14.25 24.06 37.20
C ARG B 396 -14.79 24.73 38.45
N ILE B 397 -16.10 25.02 38.49
CA ILE B 397 -16.68 25.66 39.66
C ILE B 397 -16.72 24.69 40.84
N LEU B 398 -16.75 23.37 40.56
CA LEU B 398 -16.75 22.39 41.62
C LEU B 398 -15.50 22.50 42.49
N VAL B 399 -14.32 22.46 41.86
CA VAL B 399 -13.08 22.52 42.63
C VAL B 399 -12.83 23.92 43.18
N LYS B 400 -13.38 24.95 42.53
CA LYS B 400 -13.21 26.31 43.03
C LYS B 400 -14.07 26.55 44.27
N MET B 401 -15.28 25.99 44.29
CA MET B 401 -16.10 26.05 45.49
C MET B 401 -15.51 25.22 46.61
N VAL B 402 -14.84 24.11 46.28
CA VAL B 402 -14.09 23.36 47.28
C VAL B 402 -12.90 24.20 47.76
N SER B 403 -12.31 25.00 46.87
CA SER B 403 -11.19 25.85 47.27
C SER B 403 -11.66 26.99 48.17
N GLU B 404 -12.58 27.82 47.68
CA GLU B 404 -13.05 29.00 48.39
C GLU B 404 -14.57 28.99 48.44
N GLY B 405 -15.12 28.84 49.64
CA GLY B 405 -16.56 28.84 49.86
C GLY B 405 -17.10 27.57 50.51
N ALA B 406 -16.27 26.52 50.63
CA ALA B 406 -16.66 25.23 51.18
C ALA B 406 -17.83 24.61 50.43
N ALA B 407 -18.85 24.19 51.18
CA ALA B 407 -20.02 23.50 50.64
C ALA B 407 -19.63 22.28 49.82
N LEU B 453 -14.68 35.04 38.67
CA LEU B 453 -16.11 34.88 38.91
C LEU B 453 -16.93 35.21 37.65
N PRO B 454 -16.70 36.38 37.01
CA PRO B 454 -17.36 36.61 35.71
C PRO B 454 -16.51 36.13 34.55
N THR B 455 -15.19 36.18 34.70
CA THR B 455 -14.26 35.74 33.67
C THR B 455 -13.95 34.25 33.75
N VAL B 456 -14.47 33.55 34.77
CA VAL B 456 -14.40 32.10 34.76
C VAL B 456 -15.35 31.52 33.72
N LEU B 457 -16.36 32.29 33.33
CA LEU B 457 -17.24 31.96 32.22
C LEU B 457 -16.70 32.42 30.88
N ASP B 458 -15.52 33.03 30.87
CA ASP B 458 -14.91 33.53 29.63
C ASP B 458 -14.24 32.37 28.90
N PRO B 459 -14.73 32.01 27.71
CA PRO B 459 -14.14 30.89 26.97
C PRO B 459 -12.72 31.14 26.49
N SER B 460 -12.25 32.39 26.49
CA SER B 460 -10.87 32.66 26.10
C SER B 460 -9.87 32.08 27.08
N TYR B 461 -10.29 31.79 28.31
CA TYR B 461 -9.46 31.12 29.29
C TYR B 461 -9.59 29.60 29.23
N MET B 462 -10.30 29.07 28.22
CA MET B 462 -10.59 27.65 28.16
C MET B 462 -10.14 26.97 26.88
N ILE B 463 -9.52 27.70 25.94
CA ILE B 463 -9.13 27.10 24.67
C ILE B 463 -7.75 26.47 24.71
N GLY B 464 -7.06 26.54 25.84
CA GLY B 464 -5.78 25.86 25.98
C GLY B 464 -4.72 26.44 25.06
N ARG B 465 -3.91 25.55 24.49
CA ARG B 465 -2.83 25.93 23.59
C ARG B 465 -3.27 25.92 22.12
N ALA B 466 -4.57 26.03 21.85
CA ALA B 466 -5.05 25.93 20.48
C ALA B 466 -4.44 27.00 19.59
N VAL B 467 -4.16 28.19 20.13
CA VAL B 467 -3.58 29.25 19.33
C VAL B 467 -2.14 28.92 18.95
N GLU B 468 -1.31 28.60 19.94
CA GLU B 468 0.10 28.32 19.66
C GLU B 468 0.26 27.02 18.88
N GLN B 469 -0.66 26.07 19.04
CA GLN B 469 -0.57 24.81 18.29
C GLN B 469 -0.72 25.05 16.80
N VAL B 470 -1.58 26.00 16.41
CA VAL B 470 -1.72 26.33 15.00
C VAL B 470 -0.43 26.93 14.45
N GLU B 471 0.24 27.76 15.27
CA GLU B 471 1.44 28.46 14.79
C GLU B 471 2.59 27.48 14.52
N VAL B 472 2.97 26.70 15.53
CA VAL B 472 4.09 25.79 15.39
C VAL B 472 3.80 24.75 14.29
N PHE B 473 2.56 24.25 14.25
CA PHE B 473 2.21 23.26 13.24
C PHE B 473 2.33 23.83 11.83
N LEU B 474 1.81 25.04 11.61
CA LEU B 474 1.90 25.65 10.30
C LEU B 474 3.34 25.98 9.93
N ASN B 475 4.12 26.47 10.89
CA ASN B 475 5.49 26.92 10.60
C ASN B 475 6.46 25.75 10.49
N THR B 476 6.32 24.74 11.34
CA THR B 476 7.28 23.66 11.43
C THR B 476 6.89 22.41 10.63
N GLU B 477 5.64 22.30 10.22
CA GLU B 477 5.26 21.09 9.50
C GLU B 477 4.65 21.36 8.13
N VAL B 478 3.76 22.34 8.03
CA VAL B 478 3.05 22.56 6.77
C VAL B 478 3.98 23.21 5.74
N ASP B 479 4.70 24.25 6.13
CA ASP B 479 5.55 24.97 5.17
C ASP B 479 6.65 24.10 4.57
N PRO B 480 7.38 23.26 5.31
CA PRO B 480 8.35 22.38 4.65
C PRO B 480 7.71 21.37 3.72
N ALA B 481 6.49 20.91 4.02
CA ALA B 481 5.90 19.83 3.24
C ALA B 481 5.56 20.27 1.82
N ILE B 482 5.15 21.53 1.65
CA ILE B 482 4.74 22.02 0.33
C ILE B 482 5.71 23.07 -0.19
N HIS B 483 6.94 23.11 0.32
CA HIS B 483 7.91 24.09 -0.16
C HIS B 483 8.23 23.86 -1.63
N SER B 484 8.36 22.61 -2.04
CA SER B 484 8.70 22.29 -3.43
C SER B 484 7.58 22.64 -4.41
N TYR B 485 6.36 22.90 -3.92
CA TYR B 485 5.23 23.27 -4.76
C TYR B 485 4.97 24.77 -4.77
N LYS B 486 5.95 25.57 -4.33
CA LYS B 486 5.74 27.02 -4.24
C LYS B 486 5.49 27.64 -5.61
N ASP B 487 6.04 27.05 -6.66
CA ASP B 487 5.91 27.60 -8.01
C ASP B 487 4.57 27.28 -8.66
N CYS B 488 3.67 26.58 -7.97
CA CYS B 488 2.41 26.17 -8.57
C CYS B 488 1.27 26.16 -7.55
N LEU B 489 1.28 27.07 -6.59
CA LEU B 489 0.22 27.18 -5.60
C LEU B 489 -0.87 28.17 -6.01
N ALA B 490 -0.63 29.00 -7.02
CA ALA B 490 -1.53 30.10 -7.36
C ALA B 490 -2.81 29.65 -8.05
N LEU B 491 -2.80 28.50 -8.73
CA LEU B 491 -3.94 28.09 -9.53
C LEU B 491 -5.16 27.84 -8.66
N ASN B 492 -6.21 28.64 -8.85
CA ASN B 492 -7.44 28.51 -8.10
C ASN B 492 -8.36 27.47 -8.74
N SER B 493 -9.13 26.78 -7.91
CA SER B 493 -10.08 25.77 -8.34
C SER B 493 -11.46 26.40 -8.42
N ASN B 494 -12.07 26.35 -9.61
CA ASN B 494 -13.38 26.94 -9.85
C ASN B 494 -14.37 25.83 -10.18
N ILE B 495 -15.40 25.70 -9.35
CA ILE B 495 -16.45 24.69 -9.54
C ILE B 495 -17.70 25.41 -10.04
N THR B 496 -18.15 25.02 -11.23
CA THR B 496 -19.33 25.64 -11.83
C THR B 496 -20.36 24.59 -12.23
#